data_4UCI
#
_entry.id   4UCI
#
_cell.length_a   80.220
_cell.length_b   83.610
_cell.length_c   182.620
_cell.angle_alpha   90.00
_cell.angle_beta   90.00
_cell.angle_gamma   90.00
#
_symmetry.space_group_name_H-M   'P 21 21 21'
#
loop_
_entity.id
_entity.type
_entity.pdbx_description
1 polymer 'RNA-DIRECTED RNA POLYMERASE L'
2 non-polymer 'ZINC ION'
3 non-polymer S-ADENOSYLMETHIONINE
4 non-polymer "GUANOSINE-5'-TRIPHOSPHATE"
5 non-polymer GLYCEROL
6 non-polymer ADENOSINE
7 water water
#
_entity_poly.entity_id   1
_entity_poly.type   'polypeptide(L)'
_entity_poly.pdbx_seq_one_letter_code
;MALLTPIPSPMVNLTQVIDPTEQLAYFPKITFERLKNYDTSSNYAKGKLTRNYMILLPWQHVNRYNFVFSSTGCKVSLKT
CIGKLMKDLNPKVLYFIGEGAGNWMARTACEYPDIKFVYRSLKDDLDHHYPLEYQRVIGELSRIIDSGEGLSMETTDATQ
KTHWDLIHRVSKDALLITLCDAEFKDRDDFFKMVILWRKHVLSCRICTTYGTDLYLFAKYHAKDCNVKLPFFVRSVATFI
MQGSKLSGSECYILLTLGHHNNLPCHGEIQNSKMKIAVCNDFYAAKKLDNKSIEANCKSLLSGLRIPINKKELNRQRRLL
TLQSNHSSVATVGGSKVIESKWLTNKANTIIDWLEHILNSPKGELNYDFFEALENTYPNMIKLIDNLGNAEIKKLIKVTG
YMLVSKKSGHHHHHH
;
_entity_poly.pdbx_strand_id   A,B
#
loop_
_chem_comp.id
_chem_comp.type
_chem_comp.name
_chem_comp.formula
ADN non-polymer ADENOSINE 'C10 H13 N5 O4'
GOL non-polymer GLYCEROL 'C3 H8 O3'
GTP non-polymer GUANOSINE-5'-TRIPHOSPHATE 'C10 H16 N5 O14 P3'
SAM non-polymer S-ADENOSYLMETHIONINE 'C15 H22 N6 O5 S'
ZN non-polymer 'ZINC ION' 'Zn 2'
#
# COMPACT_ATOMS: atom_id res chain seq x y z
N ASP A 19 2.25 8.78 35.53
CA ASP A 19 2.29 9.86 34.55
C ASP A 19 1.53 9.45 33.29
N PRO A 20 0.42 10.16 32.94
CA PRO A 20 -0.37 9.75 31.76
C PRO A 20 0.40 9.79 30.44
N THR A 21 1.29 10.78 30.22
CA THR A 21 2.10 10.91 29.01
C THR A 21 3.00 9.68 28.73
N GLU A 22 3.49 8.99 29.79
CA GLU A 22 4.33 7.81 29.63
C GLU A 22 3.51 6.56 29.25
N GLN A 23 2.20 6.52 29.63
CA GLN A 23 1.29 5.42 29.31
C GLN A 23 0.90 5.42 27.81
N LEU A 24 1.01 6.58 27.15
CA LEU A 24 0.66 6.77 25.74
C LEU A 24 1.48 5.88 24.77
N ALA A 25 2.74 5.54 25.11
CA ALA A 25 3.61 4.68 24.29
C ALA A 25 3.11 3.22 24.21
N TYR A 26 2.18 2.82 25.10
CA TYR A 26 1.56 1.49 25.10
C TYR A 26 0.43 1.42 24.07
N PHE A 27 -0.07 2.59 23.62
CA PHE A 27 -1.12 2.70 22.60
C PHE A 27 -0.49 2.73 21.20
N PRO A 28 -0.97 1.90 20.25
CA PRO A 28 -0.38 1.96 18.90
C PRO A 28 -0.82 3.18 18.11
N LYS A 29 0.00 3.58 17.13
CA LYS A 29 -0.27 4.68 16.21
C LYS A 29 -1.49 4.26 15.35
N ILE A 30 -2.39 5.22 15.08
CA ILE A 30 -3.62 4.98 14.34
C ILE A 30 -3.52 5.44 12.87
N THR A 31 -4.05 4.59 11.97
CA THR A 31 -4.17 4.84 10.52
C THR A 31 -5.67 4.98 10.26
N PHE A 32 -6.05 6.00 9.50
CA PHE A 32 -7.45 6.30 9.20
C PHE A 32 -7.56 7.15 7.94
N GLU A 33 -8.80 7.34 7.48
CA GLU A 33 -9.10 8.23 6.39
C GLU A 33 -10.23 9.16 6.80
N ARG A 34 -10.06 10.47 6.55
CA ARG A 34 -11.07 11.48 6.84
C ARG A 34 -11.73 11.85 5.51
N LEU A 35 -13.06 11.73 5.45
CA LEU A 35 -13.86 12.14 4.30
C LEU A 35 -14.64 13.38 4.75
N LYS A 36 -14.24 14.56 4.23
CA LYS A 36 -14.89 15.83 4.56
C LYS A 36 -16.18 15.99 3.76
N ASN A 37 -17.25 16.48 4.43
CA ASN A 37 -18.57 16.69 3.81
C ASN A 37 -18.60 17.96 2.97
N GLY A 47 -14.35 4.73 -9.47
CA GLY A 47 -14.03 3.31 -9.55
C GLY A 47 -14.19 2.58 -8.23
N LYS A 48 -14.40 1.25 -8.30
CA LYS A 48 -14.61 0.42 -7.12
C LYS A 48 -13.39 -0.45 -6.81
N LEU A 49 -12.91 -0.37 -5.57
CA LEU A 49 -11.80 -1.17 -5.11
C LEU A 49 -12.34 -2.34 -4.29
N THR A 50 -12.08 -3.56 -4.75
CA THR A 50 -12.50 -4.77 -4.03
C THR A 50 -11.34 -5.72 -3.83
N ARG A 51 -11.35 -6.43 -2.69
CA ARG A 51 -10.34 -7.41 -2.33
C ARG A 51 -10.97 -8.31 -1.28
N ASN A 52 -11.32 -9.54 -1.67
CA ASN A 52 -11.90 -10.49 -0.72
C ASN A 52 -10.79 -11.20 0.08
N TYR A 53 -10.58 -10.75 1.30
CA TYR A 53 -9.59 -11.39 2.16
C TYR A 53 -10.22 -12.64 2.75
N MET A 54 -9.59 -13.80 2.52
CA MET A 54 -10.12 -15.07 3.03
C MET A 54 -9.68 -15.25 4.49
N ILE A 55 -10.34 -14.50 5.40
CA ILE A 55 -10.07 -14.47 6.83
C ILE A 55 -11.34 -14.74 7.65
N LEU A 56 -11.18 -15.42 8.77
CA LEU A 56 -12.26 -15.76 9.71
C LEU A 56 -12.00 -15.19 11.09
N LEU A 57 -10.76 -14.71 11.36
CA LEU A 57 -10.34 -14.19 12.66
C LEU A 57 -10.41 -12.66 12.78
N PRO A 58 -10.71 -12.11 13.99
CA PRO A 58 -10.78 -10.64 14.14
C PRO A 58 -9.41 -10.01 14.28
N TRP A 59 -8.69 -9.93 13.15
CA TRP A 59 -7.32 -9.42 13.08
C TRP A 59 -7.12 -7.94 13.48
N GLN A 60 -8.22 -7.17 13.62
CA GLN A 60 -8.15 -5.75 14.05
C GLN A 60 -7.59 -5.60 15.49
N HIS A 61 -7.60 -6.70 16.29
CA HIS A 61 -7.03 -6.77 17.64
C HIS A 61 -5.52 -7.15 17.66
N VAL A 62 -4.87 -7.31 16.49
CA VAL A 62 -3.45 -7.72 16.36
C VAL A 62 -2.47 -6.80 17.17
N ASN A 63 -2.71 -5.48 17.22
CA ASN A 63 -1.82 -4.55 17.92
C ASN A 63 -2.41 -4.05 19.25
N ARG A 64 -3.34 -4.83 19.83
CA ARG A 64 -4.05 -4.47 21.05
C ARG A 64 -3.68 -5.29 22.31
N TYR A 65 -2.53 -6.01 22.27
CA TYR A 65 -1.99 -6.87 23.34
C TYR A 65 -1.71 -6.15 24.68
N ASN A 66 -1.59 -4.81 24.69
CA ASN A 66 -1.33 -4.04 25.91
C ASN A 66 -2.60 -3.68 26.68
N PHE A 67 -3.79 -4.07 26.16
CA PHE A 67 -5.06 -3.71 26.79
C PHE A 67 -5.89 -4.94 27.10
N VAL A 68 -6.62 -4.90 28.24
CA VAL A 68 -7.30 -6.09 28.76
C VAL A 68 -8.83 -6.07 28.65
N PHE A 69 -9.54 -5.19 29.39
CA PHE A 69 -11.02 -5.20 29.44
C PHE A 69 -11.69 -4.60 28.22
N SER A 70 -11.02 -3.67 27.55
CA SER A 70 -11.46 -3.03 26.30
C SER A 70 -10.24 -2.42 25.66
N SER A 71 -10.31 -2.08 24.38
CA SER A 71 -9.15 -1.58 23.64
C SER A 71 -9.49 -0.62 22.48
N THR A 72 -10.67 0.05 22.53
CA THR A 72 -11.13 1.01 21.50
C THR A 72 -10.10 2.12 21.19
N GLY A 73 -9.34 2.54 22.21
CA GLY A 73 -8.27 3.52 22.10
C GLY A 73 -7.18 3.14 21.10
N CYS A 74 -7.02 1.83 20.80
CA CYS A 74 -6.07 1.34 19.79
C CYS A 74 -6.59 1.63 18.38
N LYS A 75 -7.92 1.84 18.24
CA LYS A 75 -8.59 2.06 16.96
C LYS A 75 -8.89 3.55 16.71
N VAL A 76 -9.39 4.27 17.72
CA VAL A 76 -9.78 5.68 17.57
C VAL A 76 -9.11 6.55 18.65
N SER A 77 -8.71 7.76 18.25
CA SER A 77 -8.03 8.74 19.10
C SER A 77 -8.46 10.15 18.77
N LEU A 78 -8.73 10.96 19.81
CA LEU A 78 -9.13 12.37 19.66
C LEU A 78 -7.97 13.23 19.14
N LYS A 79 -6.74 13.00 19.64
CA LYS A 79 -5.57 13.75 19.17
C LYS A 79 -5.31 13.47 17.68
N THR A 80 -5.41 12.20 17.27
CA THR A 80 -5.18 11.77 15.88
C THR A 80 -6.24 12.27 14.90
N CYS A 81 -7.52 12.12 15.25
CA CYS A 81 -8.64 12.43 14.37
C CYS A 81 -9.14 13.87 14.45
N ILE A 82 -9.30 14.44 15.66
CA ILE A 82 -9.86 15.79 15.84
C ILE A 82 -8.93 16.70 16.67
N GLY A 83 -7.62 16.59 16.43
CA GLY A 83 -6.58 17.35 17.13
C GLY A 83 -6.75 18.86 17.08
N LYS A 84 -7.08 19.40 15.89
CA LYS A 84 -7.30 20.83 15.68
C LYS A 84 -8.53 21.32 16.46
N LEU A 85 -9.64 20.57 16.43
CA LEU A 85 -10.87 20.89 17.16
C LEU A 85 -10.62 20.92 18.67
N MET A 86 -9.83 19.94 19.16
CA MET A 86 -9.42 19.81 20.56
C MET A 86 -8.61 21.04 20.99
N LYS A 87 -7.69 21.50 20.11
CA LYS A 87 -6.86 22.67 20.32
C LYS A 87 -7.70 23.97 20.31
N ASP A 88 -8.59 24.12 19.31
CA ASP A 88 -9.43 25.30 19.13
C ASP A 88 -10.51 25.47 20.20
N LEU A 89 -11.25 24.40 20.54
CA LEU A 89 -12.30 24.51 21.57
C LEU A 89 -11.73 24.52 22.98
N ASN A 90 -10.56 23.86 23.18
CA ASN A 90 -9.86 23.76 24.46
C ASN A 90 -10.81 23.35 25.62
N PRO A 91 -11.51 22.19 25.53
CA PRO A 91 -12.43 21.82 26.62
C PRO A 91 -11.71 21.46 27.91
N LYS A 92 -12.30 21.81 29.05
CA LYS A 92 -11.74 21.46 30.35
C LYS A 92 -12.32 20.11 30.74
N VAL A 93 -13.53 19.80 30.24
CA VAL A 93 -14.30 18.59 30.51
C VAL A 93 -14.74 17.95 29.18
N LEU A 94 -14.57 16.62 29.07
CA LEU A 94 -15.04 15.83 27.93
C LEU A 94 -16.12 14.89 28.43
N TYR A 95 -17.18 14.72 27.63
CA TYR A 95 -18.33 13.88 27.96
C TYR A 95 -18.26 12.61 27.13
N PHE A 96 -18.04 11.45 27.78
CA PHE A 96 -17.96 10.14 27.12
C PHE A 96 -19.22 9.35 27.44
N ILE A 97 -20.02 9.05 26.41
CA ILE A 97 -21.27 8.29 26.58
C ILE A 97 -21.14 6.94 25.86
N GLY A 98 -21.80 5.89 26.41
CA GLY A 98 -21.69 4.52 25.92
C GLY A 98 -20.25 4.08 25.89
N GLU A 99 -19.50 4.43 26.96
CA GLU A 99 -18.04 4.29 27.05
C GLU A 99 -17.53 2.98 27.70
N GLY A 100 -18.43 2.07 28.09
CA GLY A 100 -18.05 0.77 28.64
C GLY A 100 -16.88 0.75 29.60
N ALA A 101 -15.84 -0.06 29.30
CA ALA A 101 -14.66 -0.15 30.17
C ALA A 101 -13.73 1.10 30.11
N GLY A 102 -13.98 2.02 29.18
CA GLY A 102 -13.27 3.29 29.08
C GLY A 102 -11.85 3.33 28.55
N ASN A 103 -11.50 2.47 27.59
CA ASN A 103 -10.16 2.49 26.98
C ASN A 103 -9.95 3.73 26.08
N TRP A 104 -11.01 4.19 25.38
CA TRP A 104 -10.94 5.38 24.53
C TRP A 104 -10.74 6.62 25.40
N MET A 105 -11.49 6.69 26.51
CA MET A 105 -11.40 7.74 27.51
C MET A 105 -9.99 7.72 28.15
N ALA A 106 -9.41 6.51 28.38
CA ALA A 106 -8.07 6.31 28.94
C ALA A 106 -6.96 6.86 28.03
N ARG A 107 -7.06 6.62 26.69
CA ARG A 107 -6.08 7.14 25.72
C ARG A 107 -6.13 8.65 25.71
N THR A 108 -7.36 9.23 25.74
CA THR A 108 -7.64 10.66 25.77
C THR A 108 -6.99 11.31 27.01
N ALA A 109 -7.07 10.64 28.18
CA ALA A 109 -6.47 11.06 29.45
C ALA A 109 -4.92 11.10 29.38
N CYS A 110 -4.33 10.29 28.50
CA CYS A 110 -2.88 10.22 28.25
C CYS A 110 -2.44 11.32 27.29
N GLU A 111 -3.30 11.62 26.29
CA GLU A 111 -3.06 12.64 25.26
C GLU A 111 -3.29 14.04 25.78
N TYR A 112 -4.26 14.18 26.71
CA TYR A 112 -4.64 15.46 27.29
C TYR A 112 -4.58 15.30 28.81
N PRO A 113 -3.37 15.43 29.43
CA PRO A 113 -3.25 15.19 30.89
C PRO A 113 -4.03 16.08 31.85
N ASP A 114 -4.53 17.25 31.40
CA ASP A 114 -5.24 18.19 32.27
C ASP A 114 -6.77 18.14 32.15
N ILE A 115 -7.29 17.37 31.18
CA ILE A 115 -8.73 17.24 30.94
C ILE A 115 -9.42 16.36 31.99
N LYS A 116 -10.65 16.77 32.38
CA LYS A 116 -11.52 16.06 33.33
C LYS A 116 -12.62 15.36 32.52
N PHE A 117 -13.27 14.34 33.11
CA PHE A 117 -14.27 13.57 32.38
C PHE A 117 -15.59 13.33 33.08
N VAL A 118 -16.66 13.28 32.28
CA VAL A 118 -18.00 12.87 32.67
C VAL A 118 -18.20 11.58 31.87
N TYR A 119 -18.40 10.47 32.58
CA TYR A 119 -18.54 9.13 32.01
C TYR A 119 -19.98 8.63 32.15
N ARG A 120 -20.49 8.05 31.06
CA ARG A 120 -21.81 7.39 31.03
C ARG A 120 -21.72 6.14 30.18
N SER A 121 -22.37 5.06 30.61
CA SER A 121 -22.51 3.81 29.86
C SER A 121 -23.68 3.05 30.43
N LEU A 122 -24.51 2.46 29.55
CA LEU A 122 -25.70 1.69 29.92
C LEU A 122 -25.43 0.68 31.04
N LYS A 123 -26.17 0.81 32.14
CA LYS A 123 -26.09 -0.06 33.31
C LYS A 123 -27.04 -1.24 33.08
N ASP A 124 -26.51 -2.41 32.68
CA ASP A 124 -27.34 -3.58 32.39
C ASP A 124 -26.75 -4.92 32.86
N ASP A 125 -25.45 -4.93 33.26
CA ASP A 125 -24.69 -6.09 33.74
C ASP A 125 -24.29 -7.07 32.59
N LEU A 126 -24.50 -6.67 31.33
CA LEU A 126 -24.08 -7.44 30.14
C LEU A 126 -22.66 -7.03 29.77
N ASP A 127 -22.38 -5.71 29.81
CA ASP A 127 -21.08 -5.10 29.55
C ASP A 127 -20.67 -4.28 30.79
N HIS A 128 -19.56 -3.54 30.70
CA HIS A 128 -19.06 -2.71 31.80
C HIS A 128 -19.81 -1.37 31.85
N HIS A 129 -20.25 -0.99 33.05
CA HIS A 129 -20.90 0.30 33.31
C HIS A 129 -20.07 1.09 34.34
N TYR A 130 -18.84 0.60 34.55
CA TYR A 130 -17.77 1.16 35.39
C TYR A 130 -16.52 1.16 34.48
N PRO A 131 -15.73 2.27 34.43
CA PRO A 131 -14.58 2.29 33.52
C PRO A 131 -13.37 1.50 34.03
N LEU A 132 -13.50 0.18 34.03
CA LEU A 132 -12.51 -0.79 34.51
C LEU A 132 -11.16 -0.71 33.80
N GLU A 133 -11.17 -0.47 32.47
CA GLU A 133 -9.96 -0.34 31.68
C GLU A 133 -9.25 1.01 31.94
N TYR A 134 -10.02 2.12 32.10
CA TYR A 134 -9.47 3.44 32.43
C TYR A 134 -8.74 3.34 33.78
N GLN A 135 -9.38 2.68 34.78
CA GLN A 135 -8.82 2.47 36.13
C GLN A 135 -7.49 1.73 36.06
N ARG A 136 -7.42 0.69 35.22
CA ARG A 136 -6.22 -0.14 35.03
C ARG A 136 -5.09 0.64 34.34
N VAL A 137 -5.41 1.45 33.31
CA VAL A 137 -4.44 2.24 32.52
C VAL A 137 -3.94 3.47 33.30
N ILE A 138 -4.88 4.29 33.81
CA ILE A 138 -4.59 5.55 34.51
C ILE A 138 -4.17 5.31 35.97
N GLY A 139 -4.75 4.31 36.63
CA GLY A 139 -4.40 3.96 38.01
C GLY A 139 -5.46 4.31 39.03
N GLU A 140 -6.16 5.44 38.81
CA GLU A 140 -7.21 5.97 39.69
C GLU A 140 -8.21 6.85 38.92
N LEU A 141 -9.37 7.12 39.53
CA LEU A 141 -10.49 7.85 38.90
C LEU A 141 -10.65 9.33 39.30
N SER A 142 -9.60 9.99 39.86
CA SER A 142 -9.69 11.39 40.29
C SER A 142 -10.11 12.38 39.17
N ARG A 143 -9.70 12.10 37.92
CA ARG A 143 -10.03 12.95 36.76
C ARG A 143 -11.44 12.71 36.22
N ILE A 144 -12.09 11.60 36.62
CA ILE A 144 -13.49 11.35 36.26
C ILE A 144 -14.30 11.97 37.40
N ILE A 145 -14.77 13.21 37.17
CA ILE A 145 -15.51 14.00 38.16
C ILE A 145 -16.95 13.49 38.33
N ASP A 146 -17.45 12.73 37.33
CA ASP A 146 -18.78 12.12 37.33
C ASP A 146 -18.71 10.80 36.57
N SER A 147 -18.76 9.68 37.31
CA SER A 147 -18.69 8.33 36.77
C SER A 147 -20.05 7.60 36.74
N GLY A 148 -21.12 8.35 37.00
CA GLY A 148 -22.48 7.81 36.97
C GLY A 148 -22.87 7.02 38.22
N GLU A 149 -22.28 7.37 39.39
CA GLU A 149 -22.51 6.73 40.68
C GLU A 149 -23.94 7.01 41.17
N GLY A 150 -24.68 5.94 41.44
CA GLY A 150 -26.06 6.02 41.91
C GLY A 150 -27.10 6.25 40.84
N LEU A 151 -26.74 6.17 39.56
CA LEU A 151 -27.70 6.35 38.47
C LEU A 151 -28.42 5.03 38.15
N SER A 152 -29.68 5.14 37.67
CA SER A 152 -30.52 4.00 37.28
C SER A 152 -30.19 3.62 35.84
N MET A 153 -30.74 2.48 35.35
CA MET A 153 -30.54 2.00 33.98
C MET A 153 -30.97 3.07 32.95
N GLU A 154 -32.11 3.73 33.22
CA GLU A 154 -32.70 4.78 32.40
C GLU A 154 -31.79 6.01 32.25
N THR A 155 -31.18 6.49 33.35
CA THR A 155 -30.34 7.69 33.35
C THR A 155 -28.90 7.42 32.86
N THR A 156 -28.57 6.16 32.51
CA THR A 156 -27.28 5.75 31.92
C THR A 156 -27.47 5.41 30.43
N ASP A 157 -28.74 5.45 29.97
CA ASP A 157 -29.16 5.13 28.60
C ASP A 157 -29.21 6.39 27.74
N ALA A 158 -28.31 6.48 26.74
CA ALA A 158 -28.18 7.61 25.80
C ALA A 158 -29.45 7.89 24.93
N THR A 159 -30.38 6.93 24.87
CA THR A 159 -31.65 7.05 24.12
C THR A 159 -32.79 7.58 25.01
N GLN A 160 -32.48 7.91 26.28
CA GLN A 160 -33.45 8.43 27.27
C GLN A 160 -33.16 9.89 27.61
N LYS A 161 -34.22 10.71 27.66
CA LYS A 161 -34.15 12.14 27.98
C LYS A 161 -33.52 12.41 29.37
N THR A 162 -33.87 11.59 30.37
CA THR A 162 -33.38 11.73 31.76
C THR A 162 -31.85 11.60 31.85
N HIS A 163 -31.24 10.81 30.96
CA HIS A 163 -29.78 10.64 30.85
C HIS A 163 -29.16 12.00 30.50
N TRP A 164 -29.77 12.72 29.54
CA TRP A 164 -29.30 14.03 29.09
C TRP A 164 -29.60 15.14 30.10
N ASP A 165 -30.75 15.08 30.80
CA ASP A 165 -31.15 16.06 31.83
C ASP A 165 -30.22 16.02 33.04
N LEU A 166 -29.59 14.85 33.33
CA LEU A 166 -28.69 14.67 34.47
C LEU A 166 -27.20 14.71 34.11
N ILE A 167 -26.85 15.07 32.86
CA ILE A 167 -25.46 15.14 32.38
C ILE A 167 -24.63 16.23 33.09
N HIS A 168 -25.32 17.26 33.65
CA HIS A 168 -24.69 18.37 34.36
C HIS A 168 -24.80 18.30 35.89
N ARG A 169 -25.12 17.13 36.47
CA ARG A 169 -25.26 17.01 37.92
C ARG A 169 -23.96 17.34 38.69
N VAL A 170 -22.78 17.18 38.04
CA VAL A 170 -21.48 17.53 38.60
C VAL A 170 -20.88 18.66 37.75
N SER A 171 -20.59 18.38 36.47
CA SER A 171 -19.97 19.32 35.55
C SER A 171 -20.92 20.40 35.05
N LYS A 172 -20.55 21.66 35.29
CA LYS A 172 -21.32 22.81 34.82
C LYS A 172 -20.72 23.39 33.53
N ASP A 173 -19.84 22.62 32.87
CA ASP A 173 -19.22 22.99 31.61
C ASP A 173 -20.13 22.53 30.47
N ALA A 174 -20.25 23.35 29.41
CA ALA A 174 -21.07 23.01 28.24
C ALA A 174 -20.52 21.76 27.54
N LEU A 175 -21.38 21.07 26.78
CA LEU A 175 -21.02 19.88 26.00
C LEU A 175 -20.33 20.33 24.70
N LEU A 176 -19.07 20.82 24.83
CA LEU A 176 -18.29 21.31 23.68
C LEU A 176 -18.02 20.17 22.71
N ILE A 177 -17.58 19.03 23.27
CA ILE A 177 -17.29 17.80 22.56
C ILE A 177 -17.87 16.64 23.37
N THR A 178 -18.83 15.92 22.79
CA THR A 178 -19.41 14.72 23.37
C THR A 178 -18.93 13.55 22.50
N LEU A 179 -18.46 12.49 23.14
CA LEU A 179 -17.97 11.29 22.46
C LEU A 179 -18.97 10.18 22.73
N CYS A 180 -19.39 9.47 21.68
CA CYS A 180 -20.31 8.34 21.80
C CYS A 180 -19.80 7.13 21.07
N ASP A 181 -19.48 6.08 21.83
CA ASP A 181 -19.03 4.82 21.25
C ASP A 181 -20.03 3.68 21.53
N ALA A 182 -21.29 4.05 21.81
CA ALA A 182 -22.34 3.08 22.09
C ALA A 182 -22.67 2.17 20.91
N GLU A 183 -22.82 0.89 21.23
CA GLU A 183 -23.22 -0.16 20.31
C GLU A 183 -24.68 -0.42 20.70
N PHE A 184 -25.60 0.20 19.96
CA PHE A 184 -27.03 0.13 20.26
C PHE A 184 -27.68 -1.20 19.87
N LYS A 185 -28.70 -1.61 20.64
CA LYS A 185 -29.46 -2.85 20.41
C LYS A 185 -30.20 -2.79 19.06
N ASP A 186 -30.68 -1.60 18.67
CA ASP A 186 -31.39 -1.35 17.41
C ASP A 186 -30.81 -0.13 16.69
N ARG A 187 -30.90 -0.12 15.35
CA ARG A 187 -30.43 0.96 14.47
C ARG A 187 -31.12 2.32 14.77
N ASP A 188 -32.43 2.29 15.11
CA ASP A 188 -33.22 3.48 15.44
C ASP A 188 -32.70 4.21 16.68
N ASP A 189 -32.01 3.48 17.59
CA ASP A 189 -31.43 4.04 18.81
C ASP A 189 -30.38 5.11 18.54
N PHE A 190 -29.62 4.99 17.43
CA PHE A 190 -28.61 5.99 17.05
C PHE A 190 -29.26 7.36 16.85
N PHE A 191 -30.39 7.39 16.12
CA PHE A 191 -31.18 8.60 15.83
C PHE A 191 -31.80 9.17 17.08
N LYS A 192 -32.32 8.29 17.96
CA LYS A 192 -32.91 8.66 19.25
C LYS A 192 -31.89 9.43 20.09
N MET A 193 -30.64 8.93 20.11
CA MET A 193 -29.50 9.52 20.82
C MET A 193 -29.15 10.89 20.23
N VAL A 194 -29.04 10.97 18.89
CA VAL A 194 -28.67 12.20 18.16
C VAL A 194 -29.71 13.30 18.38
N ILE A 195 -31.01 12.93 18.32
CA ILE A 195 -32.14 13.85 18.54
C ILE A 195 -32.06 14.41 19.97
N LEU A 196 -31.78 13.54 20.96
CA LEU A 196 -31.65 13.96 22.36
C LEU A 196 -30.43 14.84 22.62
N TRP A 197 -29.30 14.59 21.91
CA TRP A 197 -28.12 15.43 22.00
C TRP A 197 -28.49 16.85 21.53
N ARG A 198 -29.13 16.95 20.35
CA ARG A 198 -29.58 18.19 19.74
C ARG A 198 -30.61 18.92 20.62
N LYS A 199 -31.61 18.18 21.16
CA LYS A 199 -32.63 18.73 22.06
C LYS A 199 -32.00 19.29 23.33
N HIS A 200 -30.95 18.65 23.84
CA HIS A 200 -30.23 19.13 25.02
C HIS A 200 -29.44 20.40 24.73
N VAL A 201 -28.55 20.37 23.72
CA VAL A 201 -27.65 21.48 23.39
C VAL A 201 -28.42 22.75 22.94
N LEU A 202 -29.68 22.59 22.48
CA LEU A 202 -30.51 23.72 22.06
C LEU A 202 -31.49 24.21 23.13
N SER A 203 -31.58 23.50 24.29
CA SER A 203 -32.49 23.83 25.41
C SER A 203 -31.75 24.21 26.69
N CYS A 204 -30.73 23.40 27.06
CA CYS A 204 -29.93 23.53 28.28
C CYS A 204 -29.36 24.93 28.46
N ARG A 205 -29.57 25.54 29.65
CA ARG A 205 -29.11 26.87 30.01
C ARG A 205 -27.59 27.02 29.90
N ILE A 206 -26.83 25.97 30.29
CA ILE A 206 -25.37 25.93 30.24
C ILE A 206 -24.88 25.91 28.77
N CYS A 207 -25.40 24.97 27.97
CA CYS A 207 -25.02 24.73 26.59
C CYS A 207 -25.44 25.85 25.63
N THR A 208 -26.67 26.41 25.79
CA THR A 208 -27.17 27.52 24.95
C THR A 208 -26.36 28.79 25.19
N THR A 209 -25.92 29.03 26.46
CA THR A 209 -25.09 30.18 26.88
C THR A 209 -23.78 30.16 26.10
N TYR A 210 -23.19 28.96 25.90
CA TYR A 210 -21.97 28.82 25.11
C TYR A 210 -22.26 29.08 23.62
N GLY A 211 -23.40 28.59 23.13
CA GLY A 211 -23.80 28.77 21.74
C GLY A 211 -24.00 27.48 20.97
N THR A 212 -23.93 27.57 19.64
CA THR A 212 -24.16 26.46 18.71
C THR A 212 -22.88 25.74 18.22
N ASP A 213 -21.68 26.22 18.60
CA ASP A 213 -20.42 25.57 18.18
C ASP A 213 -20.12 24.38 19.10
N LEU A 214 -21.03 23.38 19.04
CA LEU A 214 -21.00 22.15 19.85
C LEU A 214 -20.92 20.91 18.96
N TYR A 215 -20.15 19.90 19.41
CA TYR A 215 -19.85 18.72 18.61
C TYR A 215 -20.15 17.38 19.25
N LEU A 216 -20.60 16.42 18.43
CA LEU A 216 -20.87 15.04 18.84
C LEU A 216 -20.07 14.13 17.91
N PHE A 217 -19.07 13.42 18.46
CA PHE A 217 -18.24 12.50 17.69
C PHE A 217 -18.73 11.10 18.05
N ALA A 218 -19.53 10.50 17.15
CA ALA A 218 -20.21 9.24 17.42
C ALA A 218 -19.93 8.11 16.44
N LYS A 219 -19.93 6.88 16.98
CA LYS A 219 -19.76 5.67 16.20
C LYS A 219 -21.05 5.38 15.44
N TYR A 220 -20.92 5.08 14.15
CA TYR A 220 -22.05 4.78 13.28
C TYR A 220 -21.74 3.58 12.40
N HIS A 221 -22.76 2.75 12.12
CA HIS A 221 -22.64 1.62 11.20
C HIS A 221 -23.37 2.01 9.95
N ALA A 222 -22.60 2.33 8.88
CA ALA A 222 -23.14 2.76 7.59
C ALA A 222 -23.94 1.66 6.91
N LYS A 223 -25.15 2.00 6.45
CA LYS A 223 -26.01 1.04 5.77
C LYS A 223 -26.58 1.66 4.49
N ASP A 224 -27.86 2.06 4.49
CA ASP A 224 -28.55 2.62 3.31
C ASP A 224 -28.10 4.06 3.00
N CYS A 225 -28.27 4.47 1.73
CA CYS A 225 -27.96 5.82 1.26
C CYS A 225 -29.20 6.66 1.42
N ASN A 226 -29.04 8.00 1.25
CA ASN A 226 -30.11 9.00 1.31
C ASN A 226 -30.85 8.97 2.66
N VAL A 227 -30.11 8.60 3.73
CA VAL A 227 -30.62 8.59 5.10
C VAL A 227 -30.19 9.93 5.68
N LYS A 228 -31.17 10.82 5.86
CA LYS A 228 -30.94 12.16 6.38
C LYS A 228 -30.73 12.13 7.87
N LEU A 229 -29.82 12.98 8.36
CA LEU A 229 -29.58 13.16 9.78
C LEU A 229 -30.79 13.92 10.33
N PRO A 230 -31.07 13.89 11.66
CA PRO A 230 -32.20 14.69 12.18
C PRO A 230 -32.13 16.17 11.79
N PHE A 231 -33.25 16.90 11.87
CA PHE A 231 -33.27 18.32 11.55
C PHE A 231 -32.26 19.10 12.38
N PHE A 232 -31.52 20.02 11.72
CA PHE A 232 -30.49 20.91 12.27
C PHE A 232 -29.27 20.17 12.86
N VAL A 233 -28.99 18.94 12.38
CA VAL A 233 -27.80 18.15 12.74
C VAL A 233 -27.02 17.95 11.44
N ARG A 234 -25.77 18.40 11.44
CA ARG A 234 -24.91 18.36 10.25
C ARG A 234 -23.62 17.60 10.49
N SER A 235 -23.27 16.70 9.55
CA SER A 235 -22.02 15.94 9.57
C SER A 235 -20.92 16.85 8.99
N VAL A 236 -19.81 16.97 9.73
CA VAL A 236 -18.63 17.77 9.35
C VAL A 236 -17.62 16.88 8.64
N ALA A 237 -17.44 15.64 9.13
CA ALA A 237 -16.50 14.67 8.58
C ALA A 237 -16.87 13.25 8.97
N THR A 238 -16.44 12.28 8.16
CA THR A 238 -16.59 10.84 8.37
C THR A 238 -15.18 10.25 8.48
N PHE A 239 -14.94 9.46 9.53
CA PHE A 239 -13.64 8.85 9.80
C PHE A 239 -13.73 7.33 9.65
N ILE A 240 -12.87 6.78 8.78
CA ILE A 240 -12.79 5.34 8.51
C ILE A 240 -11.51 4.89 9.19
N MET A 241 -11.65 4.01 10.18
CA MET A 241 -10.53 3.53 11.00
C MET A 241 -10.01 2.20 10.56
N GLN A 242 -8.67 2.08 10.50
CA GLN A 242 -7.97 0.83 10.18
C GLN A 242 -8.35 -0.28 11.18
N GLY A 243 -8.49 0.06 12.46
CA GLY A 243 -8.83 -0.86 13.53
C GLY A 243 -10.28 -1.35 13.59
N SER A 244 -11.15 -0.91 12.67
CA SER A 244 -12.55 -1.39 12.60
C SER A 244 -12.57 -2.74 11.91
N LYS A 245 -13.49 -3.63 12.35
CA LYS A 245 -13.71 -4.97 11.80
C LYS A 245 -13.84 -4.89 10.27
N LEU A 246 -13.07 -5.74 9.59
CA LEU A 246 -13.04 -5.78 8.14
C LEU A 246 -14.39 -6.10 7.48
N SER A 247 -15.18 -7.03 8.06
CA SER A 247 -16.49 -7.38 7.50
C SER A 247 -17.59 -6.33 7.81
N GLY A 248 -17.34 -5.42 8.75
CA GLY A 248 -18.31 -4.40 9.14
C GLY A 248 -18.35 -3.15 8.27
N SER A 249 -19.11 -2.15 8.70
CA SER A 249 -19.26 -0.86 8.02
C SER A 249 -19.22 0.29 9.04
N GLU A 250 -18.47 0.07 10.12
CA GLU A 250 -18.28 1.02 11.22
C GLU A 250 -17.49 2.24 10.77
N CYS A 251 -17.88 3.40 11.29
CA CYS A 251 -17.21 4.67 11.04
C CYS A 251 -17.49 5.63 12.19
N TYR A 252 -16.75 6.72 12.28
CA TYR A 252 -16.95 7.72 13.33
C TYR A 252 -17.27 9.02 12.67
N ILE A 253 -18.44 9.59 13.00
CA ILE A 253 -18.88 10.84 12.39
C ILE A 253 -18.76 11.99 13.37
N LEU A 254 -18.24 13.13 12.88
CA LEU A 254 -18.16 14.37 13.63
C LEU A 254 -19.39 15.19 13.25
N LEU A 255 -20.32 15.35 14.21
CA LEU A 255 -21.59 16.05 14.02
C LEU A 255 -21.62 17.38 14.73
N THR A 256 -22.35 18.34 14.16
CA THR A 256 -22.53 19.66 14.75
C THR A 256 -23.95 20.17 14.47
N LEU A 257 -24.27 21.38 14.93
CA LEU A 257 -25.56 22.01 14.68
C LEU A 257 -25.46 22.79 13.36
N GLY A 258 -26.45 22.62 12.50
CA GLY A 258 -26.53 23.29 11.20
C GLY A 258 -27.42 22.54 10.22
N HIS A 259 -27.70 23.14 9.06
CA HIS A 259 -28.55 22.54 8.01
C HIS A 259 -28.12 21.09 7.76
N HIS A 260 -29.06 20.15 7.94
CA HIS A 260 -28.81 18.72 7.88
C HIS A 260 -28.34 18.22 6.53
N ASN A 261 -27.58 17.12 6.57
CA ASN A 261 -27.08 16.43 5.38
C ASN A 261 -27.27 14.92 5.62
N ASN A 262 -26.78 14.09 4.69
CA ASN A 262 -26.94 12.66 4.78
C ASN A 262 -25.84 11.97 5.56
N LEU A 263 -26.21 10.82 6.17
CA LEU A 263 -25.28 9.93 6.86
C LEU A 263 -24.48 9.17 5.79
N PRO A 264 -23.26 8.68 6.07
CA PRO A 264 -22.53 7.93 5.03
C PRO A 264 -23.21 6.59 4.73
N CYS A 265 -23.15 6.14 3.49
CA CYS A 265 -23.74 4.84 3.16
C CYS A 265 -22.64 3.82 3.01
N HIS A 266 -23.00 2.53 3.11
CA HIS A 266 -22.11 1.37 3.04
C HIS A 266 -21.08 1.47 1.91
N GLY A 267 -21.52 1.88 0.71
CA GLY A 267 -20.70 2.07 -0.49
C GLY A 267 -19.47 2.96 -0.35
N GLU A 268 -19.66 4.19 0.18
CA GLU A 268 -18.57 5.18 0.42
C GLU A 268 -17.53 4.63 1.42
N ILE A 269 -18.01 4.01 2.51
CA ILE A 269 -17.18 3.46 3.58
C ILE A 269 -16.33 2.28 3.09
N GLN A 270 -16.89 1.44 2.17
CA GLN A 270 -16.21 0.27 1.61
C GLN A 270 -14.91 0.58 0.88
N ASN A 271 -14.92 1.57 -0.04
CA ASN A 271 -13.73 1.98 -0.80
C ASN A 271 -12.59 2.47 0.09
N SER A 272 -12.90 3.35 1.04
CA SER A 272 -11.97 3.94 2.00
C SER A 272 -11.36 2.87 2.90
N LYS A 273 -12.20 1.93 3.34
CA LYS A 273 -11.86 0.81 4.21
C LYS A 273 -11.01 -0.24 3.46
N MET A 274 -11.30 -0.48 2.18
CA MET A 274 -10.54 -1.42 1.35
C MET A 274 -9.15 -0.90 1.05
N LYS A 275 -9.01 0.43 0.82
CA LYS A 275 -7.70 1.02 0.57
C LYS A 275 -6.78 0.85 1.76
N ILE A 276 -7.28 1.14 2.98
CA ILE A 276 -6.52 0.98 4.22
C ILE A 276 -6.09 -0.48 4.41
N ALA A 277 -7.03 -1.42 4.23
CA ALA A 277 -6.78 -2.87 4.37
C ALA A 277 -5.74 -3.39 3.38
N VAL A 278 -5.77 -2.92 2.11
CA VAL A 278 -4.84 -3.31 1.05
C VAL A 278 -3.47 -2.63 1.16
N CYS A 279 -3.44 -1.32 1.44
CA CYS A 279 -2.21 -0.51 1.38
C CYS A 279 -1.46 -0.32 2.68
N ASN A 280 -2.13 -0.41 3.83
CA ASN A 280 -1.46 -0.09 5.09
C ASN A 280 -1.19 -1.26 6.01
N ASP A 281 -0.14 -1.11 6.82
CA ASP A 281 0.24 -2.04 7.87
C ASP A 281 -0.26 -1.48 9.20
N PHE A 282 -0.51 -2.37 10.17
CA PHE A 282 -0.89 -1.99 11.52
C PHE A 282 0.41 -1.64 12.23
N TYR A 283 0.44 -0.52 12.96
CA TYR A 283 1.60 -0.12 13.74
C TYR A 283 1.58 -0.87 15.07
N ALA A 284 2.75 -1.33 15.49
CA ALA A 284 2.91 -1.97 16.78
C ALA A 284 3.10 -0.82 17.78
N ALA A 285 2.72 -1.02 19.06
CA ALA A 285 2.94 -0.01 20.10
C ALA A 285 4.45 0.16 20.31
N LYS A 286 4.90 1.40 20.60
CA LYS A 286 6.33 1.70 20.82
C LYS A 286 6.89 0.87 21.96
N LYS A 287 6.10 0.71 23.05
CA LYS A 287 6.48 -0.04 24.24
C LYS A 287 5.56 -1.22 24.51
N LEU A 288 6.13 -2.27 25.10
CA LEU A 288 5.45 -3.51 25.52
C LEU A 288 5.04 -3.36 26.99
N ASP A 289 3.76 -3.61 27.31
CA ASP A 289 3.27 -3.58 28.69
C ASP A 289 3.20 -5.04 29.12
N ASN A 290 4.29 -5.51 29.76
CA ASN A 290 4.49 -6.89 30.20
C ASN A 290 3.39 -7.40 31.13
N LYS A 291 2.95 -6.58 32.11
CA LYS A 291 1.88 -6.94 33.05
C LYS A 291 0.55 -7.18 32.29
N SER A 292 0.24 -6.31 31.31
CA SER A 292 -0.96 -6.39 30.45
C SER A 292 -0.91 -7.60 29.51
N ILE A 293 0.27 -7.87 28.90
CA ILE A 293 0.48 -9.01 27.99
C ILE A 293 0.29 -10.30 28.77
N GLU A 294 0.88 -10.40 29.99
CA GLU A 294 0.76 -11.55 30.89
C GLU A 294 -0.69 -11.75 31.31
N ALA A 295 -1.43 -10.65 31.56
CA ALA A 295 -2.85 -10.67 31.92
C ALA A 295 -3.69 -11.25 30.75
N ASN A 296 -3.37 -10.86 29.48
CA ASN A 296 -4.07 -11.39 28.30
C ASN A 296 -3.73 -12.84 28.01
N CYS A 297 -2.46 -13.25 28.24
CA CYS A 297 -1.98 -14.63 28.07
C CYS A 297 -2.68 -15.59 29.04
N LYS A 298 -2.73 -15.21 30.34
CA LYS A 298 -3.36 -15.99 31.40
C LYS A 298 -4.88 -16.08 31.22
N SER A 299 -5.49 -15.04 30.63
CA SER A 299 -6.92 -14.97 30.33
C SER A 299 -7.28 -15.92 29.16
N LEU A 300 -6.34 -16.09 28.20
CA LEU A 300 -6.50 -16.98 27.06
C LEU A 300 -6.30 -18.43 27.49
N LEU A 301 -5.16 -18.72 28.13
CA LEU A 301 -4.80 -20.05 28.61
C LEU A 301 -4.19 -19.88 29.99
N SER A 302 -4.91 -20.36 31.03
CA SER A 302 -4.48 -20.27 32.43
C SER A 302 -3.10 -20.89 32.62
N GLY A 303 -2.16 -20.08 33.08
CA GLY A 303 -0.79 -20.50 33.32
C GLY A 303 0.19 -20.21 32.21
N LEU A 304 -0.28 -19.62 31.08
CA LEU A 304 0.58 -19.27 29.95
C LEU A 304 1.52 -18.13 30.32
N ARG A 305 2.83 -18.36 30.11
CA ARG A 305 3.89 -17.41 30.45
C ARG A 305 4.55 -16.80 29.22
N ILE A 306 5.21 -15.65 29.41
CA ILE A 306 5.98 -14.96 28.38
C ILE A 306 7.49 -15.07 28.75
N PRO A 307 8.42 -15.28 27.79
CA PRO A 307 8.22 -15.37 26.33
C PRO A 307 7.54 -16.65 25.88
N ILE A 308 6.70 -16.57 24.85
CA ILE A 308 6.02 -17.76 24.32
C ILE A 308 6.95 -18.37 23.28
N ASN A 309 7.62 -19.46 23.66
CA ASN A 309 8.56 -20.18 22.82
C ASN A 309 8.20 -21.68 22.74
N LYS A 310 9.06 -22.49 22.08
CA LYS A 310 8.89 -23.94 21.92
C LYS A 310 8.82 -24.63 23.29
N LYS A 311 9.67 -24.19 24.25
CA LYS A 311 9.77 -24.70 25.61
C LYS A 311 8.46 -24.46 26.38
N GLU A 312 7.89 -23.24 26.29
CA GLU A 312 6.64 -22.86 26.95
C GLU A 312 5.43 -23.64 26.40
N LEU A 313 5.39 -23.85 25.07
CA LEU A 313 4.30 -24.56 24.42
C LEU A 313 4.36 -26.07 24.69
N ASN A 314 5.58 -26.62 24.86
CA ASN A 314 5.79 -28.04 25.20
C ASN A 314 5.38 -28.28 26.66
N ARG A 315 5.63 -27.29 27.54
CA ARG A 315 5.27 -27.32 28.95
C ARG A 315 3.73 -27.30 29.10
N GLN A 316 3.03 -26.47 28.29
CA GLN A 316 1.57 -26.39 28.28
C GLN A 316 0.94 -27.71 27.84
N ARG A 317 1.59 -28.37 26.87
CA ARG A 317 1.20 -29.67 26.32
C ARG A 317 1.40 -30.79 27.37
N ARG A 318 2.49 -30.70 28.16
CA ARG A 318 2.82 -31.66 29.23
C ARG A 318 1.86 -31.57 30.42
N LEU A 319 1.34 -30.37 30.70
CA LEU A 319 0.37 -30.10 31.79
C LEU A 319 -0.96 -30.80 31.52
N LEU A 320 -1.33 -30.96 30.24
CA LEU A 320 -2.56 -31.62 29.79
C LEU A 320 -2.58 -33.12 30.05
N THR A 321 -1.39 -33.75 30.13
CA THR A 321 -1.24 -35.19 30.39
C THR A 321 -0.97 -35.44 31.88
N LYS A 341 -11.49 -34.26 27.57
CA LYS A 341 -12.36 -33.22 28.14
C LYS A 341 -12.52 -32.00 27.20
N TRP A 342 -13.54 -31.15 27.48
CA TRP A 342 -13.87 -29.94 26.72
C TRP A 342 -12.82 -28.85 26.91
N LEU A 343 -12.34 -28.65 28.17
CA LEU A 343 -11.33 -27.65 28.51
C LEU A 343 -9.96 -27.98 27.92
N THR A 344 -9.58 -29.28 27.89
CA THR A 344 -8.31 -29.75 27.32
C THR A 344 -8.34 -29.63 25.78
N ASN A 345 -9.54 -29.86 25.18
CA ASN A 345 -9.80 -29.76 23.75
C ASN A 345 -9.60 -28.31 23.29
N LYS A 346 -10.10 -27.34 24.10
CA LYS A 346 -9.96 -25.89 23.86
C LYS A 346 -8.51 -25.48 24.02
N ALA A 347 -7.83 -26.02 25.06
CA ALA A 347 -6.42 -25.75 25.36
C ALA A 347 -5.51 -26.20 24.22
N ASN A 348 -5.78 -27.42 23.67
CA ASN A 348 -5.04 -28.00 22.55
C ASN A 348 -5.18 -27.15 21.29
N THR A 349 -6.40 -26.64 21.03
CA THR A 349 -6.73 -25.77 19.90
C THR A 349 -5.90 -24.48 19.98
N ILE A 350 -5.78 -23.90 21.20
CA ILE A 350 -5.01 -22.67 21.45
C ILE A 350 -3.51 -22.91 21.21
N ILE A 351 -2.93 -23.97 21.83
CA ILE A 351 -1.51 -24.35 21.71
C ILE A 351 -1.12 -24.63 20.25
N ASP A 352 -1.98 -25.36 19.50
CA ASP A 352 -1.77 -25.66 18.09
C ASP A 352 -1.65 -24.38 17.25
N TRP A 353 -2.50 -23.36 17.54
CA TRP A 353 -2.46 -22.08 16.83
C TRP A 353 -1.19 -21.30 17.19
N LEU A 354 -0.84 -21.20 18.49
CA LEU A 354 0.34 -20.50 18.95
C LEU A 354 1.62 -21.12 18.42
N GLU A 355 1.62 -22.46 18.24
CA GLU A 355 2.72 -23.24 17.66
C GLU A 355 2.85 -22.88 16.17
N HIS A 356 1.71 -22.75 15.47
CA HIS A 356 1.66 -22.35 14.06
C HIS A 356 2.24 -20.94 13.86
N ILE A 357 1.91 -20.00 14.77
CA ILE A 357 2.44 -18.63 14.75
C ILE A 357 3.94 -18.65 14.99
N LEU A 358 4.38 -19.44 15.99
CA LEU A 358 5.79 -19.61 16.36
C LEU A 358 6.62 -20.13 15.18
N ASN A 359 6.08 -21.12 14.44
CA ASN A 359 6.74 -21.74 13.28
C ASN A 359 6.58 -20.94 11.99
N SER A 360 5.69 -19.93 11.98
CA SER A 360 5.43 -19.09 10.82
C SER A 360 6.57 -18.10 10.58
N PRO A 361 6.85 -17.71 9.30
CA PRO A 361 7.91 -16.73 9.05
C PRO A 361 7.46 -15.32 9.47
N LYS A 362 8.41 -14.40 9.67
CA LYS A 362 8.05 -13.03 10.04
C LYS A 362 7.52 -12.29 8.82
N GLY A 363 6.51 -11.47 9.06
CA GLY A 363 5.90 -10.64 8.04
C GLY A 363 5.42 -9.33 8.63
N GLU A 364 4.92 -8.45 7.77
CA GLU A 364 4.39 -7.16 8.21
C GLU A 364 2.96 -7.35 8.70
N LEU A 365 2.51 -6.49 9.63
CA LEU A 365 1.15 -6.59 10.17
C LEU A 365 0.12 -6.06 9.17
N ASN A 366 -0.24 -6.89 8.20
CA ASN A 366 -1.24 -6.52 7.19
C ASN A 366 -2.13 -7.70 6.84
N TYR A 367 -3.31 -7.43 6.25
CA TYR A 367 -4.30 -8.45 5.90
C TYR A 367 -3.79 -9.51 4.91
N ASP A 368 -2.84 -9.17 4.03
CA ASP A 368 -2.22 -10.13 3.11
C ASP A 368 -1.47 -11.20 3.90
N PHE A 369 -0.74 -10.78 4.96
CA PHE A 369 -0.01 -11.69 5.84
C PHE A 369 -0.98 -12.48 6.74
N PHE A 370 -2.04 -11.83 7.24
CA PHE A 370 -3.07 -12.45 8.09
C PHE A 370 -3.81 -13.58 7.35
N GLU A 371 -4.12 -13.34 6.05
CA GLU A 371 -4.73 -14.31 5.15
C GLU A 371 -3.79 -15.50 4.96
N ALA A 372 -2.48 -15.25 4.79
CA ALA A 372 -1.46 -16.29 4.63
C ALA A 372 -1.36 -17.14 5.91
N LEU A 373 -1.42 -16.51 7.11
CA LEU A 373 -1.36 -17.19 8.41
C LEU A 373 -2.54 -18.16 8.58
N GLU A 374 -3.76 -17.73 8.21
CA GLU A 374 -4.96 -18.56 8.29
C GLU A 374 -4.97 -19.69 7.27
N ASN A 375 -4.66 -19.37 6.00
CA ASN A 375 -4.74 -20.34 4.92
C ASN A 375 -3.58 -21.37 4.89
N THR A 376 -2.52 -21.18 5.70
CA THR A 376 -1.42 -22.16 5.85
C THR A 376 -1.67 -23.05 7.08
N TYR A 377 -2.74 -22.76 7.83
CA TYR A 377 -3.14 -23.52 9.01
C TYR A 377 -4.23 -24.53 8.60
N PRO A 378 -3.98 -25.85 8.78
CA PRO A 378 -4.98 -26.83 8.32
C PRO A 378 -6.24 -26.99 9.18
N ASN A 379 -6.19 -26.59 10.46
CA ASN A 379 -7.32 -26.72 11.40
C ASN A 379 -8.11 -25.42 11.64
N MET A 380 -8.21 -24.54 10.61
CA MET A 380 -8.92 -23.25 10.72
C MET A 380 -10.39 -23.36 11.12
N ILE A 381 -11.16 -24.24 10.44
CA ILE A 381 -12.59 -24.41 10.68
C ILE A 381 -12.85 -25.01 12.07
N LYS A 382 -11.99 -25.94 12.51
CA LYS A 382 -12.06 -26.58 13.83
C LYS A 382 -11.83 -25.53 14.92
N LEU A 383 -10.88 -24.59 14.66
CA LEU A 383 -10.53 -23.49 15.57
C LEU A 383 -11.72 -22.53 15.81
N ILE A 384 -12.38 -22.08 14.73
CA ILE A 384 -13.52 -21.17 14.84
C ILE A 384 -14.73 -21.89 15.45
N ASP A 385 -14.82 -23.21 15.26
CA ASP A 385 -15.88 -24.04 15.82
C ASP A 385 -15.67 -24.26 17.32
N ASN A 386 -14.41 -24.40 17.77
CA ASN A 386 -14.09 -24.69 19.17
C ASN A 386 -14.05 -23.48 20.09
N LEU A 387 -13.54 -22.34 19.59
CA LEU A 387 -13.41 -21.13 20.41
C LEU A 387 -14.51 -20.11 20.16
N GLY A 388 -14.99 -19.50 21.24
CA GLY A 388 -16.00 -18.45 21.21
C GLY A 388 -15.41 -17.13 20.75
N ASN A 389 -16.27 -16.13 20.52
CA ASN A 389 -15.85 -14.79 20.06
C ASN A 389 -14.84 -14.11 20.99
N ALA A 390 -15.09 -14.14 22.33
CA ALA A 390 -14.20 -13.53 23.32
C ALA A 390 -12.82 -14.20 23.37
N GLU A 391 -12.77 -15.55 23.26
CA GLU A 391 -11.53 -16.34 23.27
C GLU A 391 -10.69 -16.07 22.03
N ILE A 392 -11.34 -15.98 20.86
CA ILE A 392 -10.69 -15.72 19.56
C ILE A 392 -10.07 -14.30 19.54
N LYS A 393 -10.74 -13.34 20.20
CA LYS A 393 -10.27 -11.95 20.36
C LYS A 393 -8.97 -11.94 21.21
N LYS A 394 -8.93 -12.74 22.30
CA LYS A 394 -7.77 -12.89 23.19
C LYS A 394 -6.63 -13.57 22.42
N LEU A 395 -6.97 -14.58 21.60
CA LEU A 395 -6.03 -15.33 20.76
C LEU A 395 -5.31 -14.41 19.77
N ILE A 396 -6.04 -13.44 19.18
CA ILE A 396 -5.48 -12.48 18.22
C ILE A 396 -4.53 -11.49 18.91
N LYS A 397 -4.87 -11.01 20.14
CA LYS A 397 -4.00 -10.12 20.92
C LYS A 397 -2.66 -10.82 21.19
N VAL A 398 -2.71 -12.09 21.64
CA VAL A 398 -1.55 -12.93 21.97
C VAL A 398 -0.73 -13.24 20.70
N THR A 399 -1.43 -13.51 19.56
CA THR A 399 -0.82 -13.74 18.24
C THR A 399 -0.02 -12.49 17.84
N GLY A 400 -0.65 -11.33 17.98
CA GLY A 400 -0.06 -10.03 17.68
C GLY A 400 1.19 -9.75 18.49
N TYR A 401 1.18 -10.09 19.79
CA TYR A 401 2.33 -9.96 20.67
C TYR A 401 3.49 -10.82 20.16
N MET A 402 3.18 -12.08 19.77
CA MET A 402 4.14 -13.04 19.22
C MET A 402 4.73 -12.58 17.89
N LEU A 403 3.89 -12.03 17.00
CA LEU A 403 4.31 -11.53 15.69
C LEU A 403 5.28 -10.35 15.81
N VAL A 404 4.98 -9.42 16.74
CA VAL A 404 5.78 -8.23 17.05
C VAL A 404 7.12 -8.65 17.70
N SER A 405 7.10 -9.70 18.54
CA SER A 405 8.27 -10.24 19.25
C SER A 405 9.29 -10.94 18.35
N LYS A 406 8.88 -11.41 17.15
CA LYS A 406 9.73 -12.10 16.18
C LYS A 406 10.93 -11.25 15.70
N LYS A 407 12.07 -11.94 15.41
CA LYS A 407 13.34 -11.39 14.92
C LYS A 407 13.96 -10.40 15.90
N VAL B 17 34.22 15.86 -19.08
CA VAL B 17 34.20 14.66 -18.24
C VAL B 17 32.80 14.44 -17.67
N ILE B 18 32.22 13.24 -17.91
CA ILE B 18 30.90 12.88 -17.40
C ILE B 18 31.05 11.84 -16.29
N ASP B 19 30.66 12.22 -15.06
CA ASP B 19 30.71 11.34 -13.88
C ASP B 19 29.42 10.51 -13.86
N PRO B 20 29.51 9.16 -13.92
CA PRO B 20 28.28 8.35 -13.97
C PRO B 20 27.37 8.50 -12.74
N THR B 21 27.94 8.62 -11.53
CA THR B 21 27.19 8.79 -10.27
C THR B 21 26.28 10.03 -10.29
N GLU B 22 26.70 11.08 -11.00
CA GLU B 22 25.97 12.34 -11.15
C GLU B 22 24.75 12.19 -12.06
N GLN B 23 24.84 11.33 -13.10
CA GLN B 23 23.79 11.06 -14.07
C GLN B 23 22.62 10.26 -13.48
N LEU B 24 22.88 9.53 -12.37
CA LEU B 24 21.91 8.71 -11.66
C LEU B 24 20.69 9.48 -11.15
N ALA B 25 20.85 10.77 -10.79
CA ALA B 25 19.78 11.65 -10.30
C ALA B 25 18.71 11.95 -11.37
N TYR B 26 19.03 11.70 -12.66
CA TYR B 26 18.09 11.87 -13.78
C TYR B 26 17.16 10.67 -13.89
N PHE B 27 17.52 9.53 -13.27
CA PHE B 27 16.72 8.30 -13.24
C PHE B 27 15.77 8.33 -12.06
N PRO B 28 14.47 8.04 -12.25
CA PRO B 28 13.55 8.04 -11.10
C PRO B 28 13.72 6.78 -10.23
N LYS B 29 13.35 6.91 -8.94
CA LYS B 29 13.34 5.81 -7.98
C LYS B 29 12.31 4.78 -8.44
N ILE B 30 12.62 3.49 -8.29
CA ILE B 30 11.78 2.39 -8.74
C ILE B 30 10.99 1.73 -7.58
N THR B 31 9.72 1.43 -7.84
CA THR B 31 8.80 0.72 -6.95
C THR B 31 8.53 -0.62 -7.63
N PHE B 32 8.57 -1.71 -6.86
CA PHE B 32 8.38 -3.06 -7.36
C PHE B 32 7.97 -4.02 -6.25
N GLU B 33 7.63 -5.26 -6.64
CA GLU B 33 7.35 -6.33 -5.70
C GLU B 33 8.13 -7.57 -6.10
N ARG B 34 8.80 -8.19 -5.13
CA ARG B 34 9.56 -9.42 -5.34
C ARG B 34 8.74 -10.57 -4.78
N LEU B 35 8.47 -11.58 -5.64
CA LEU B 35 7.78 -12.81 -5.23
C LEU B 35 8.83 -13.94 -5.27
N LYS B 36 9.24 -14.41 -4.09
CA LYS B 36 10.23 -15.48 -3.99
C LYS B 36 9.60 -16.86 -4.24
N ASN B 37 10.31 -17.72 -5.01
CA ASN B 37 9.85 -19.07 -5.34
C ASN B 37 10.02 -20.04 -4.17
N SER B 42 4.16 -24.66 0.08
CA SER B 42 3.65 -23.64 1.00
C SER B 42 2.47 -22.84 0.39
N ASN B 43 1.84 -23.39 -0.68
CA ASN B 43 0.72 -22.76 -1.37
C ASN B 43 -0.57 -22.80 -0.54
N TYR B 44 -1.27 -21.65 -0.51
CA TYR B 44 -2.51 -21.45 0.25
C TYR B 44 -3.58 -20.73 -0.58
N ALA B 45 -4.87 -20.85 -0.19
CA ALA B 45 -6.00 -20.19 -0.85
C ALA B 45 -5.98 -18.67 -0.54
N LYS B 46 -6.18 -17.84 -1.57
CA LYS B 46 -6.16 -16.38 -1.41
C LYS B 46 -7.18 -15.68 -2.31
N GLY B 47 -7.65 -14.52 -1.86
CA GLY B 47 -8.60 -13.71 -2.60
C GLY B 47 -7.99 -12.93 -3.74
N LYS B 48 -8.83 -12.15 -4.43
CA LYS B 48 -8.45 -11.38 -5.62
C LYS B 48 -8.57 -9.88 -5.37
N LEU B 49 -7.57 -9.10 -5.83
CA LEU B 49 -7.58 -7.65 -5.71
C LEU B 49 -7.99 -7.05 -7.05
N THR B 50 -9.11 -6.32 -7.08
CA THR B 50 -9.55 -5.69 -8.33
C THR B 50 -9.85 -4.21 -8.17
N ARG B 51 -9.49 -3.46 -9.21
CA ARG B 51 -9.71 -2.04 -9.39
C ARG B 51 -9.58 -1.78 -10.89
N ASN B 52 -10.71 -1.55 -11.57
CA ASN B 52 -10.70 -1.28 -13.00
C ASN B 52 -10.39 0.18 -13.27
N TYR B 53 -9.13 0.50 -13.61
CA TYR B 53 -8.77 1.87 -13.94
C TYR B 53 -9.21 2.16 -15.38
N MET B 54 -10.04 3.19 -15.54
CA MET B 54 -10.53 3.53 -16.87
C MET B 54 -9.52 4.43 -17.59
N ILE B 55 -8.43 3.80 -18.06
CA ILE B 55 -7.32 4.45 -18.75
C ILE B 55 -7.02 3.81 -20.11
N LEU B 56 -6.60 4.63 -21.07
CA LEU B 56 -6.25 4.22 -22.44
C LEU B 56 -4.81 4.61 -22.79
N LEU B 57 -4.16 5.45 -21.97
CA LEU B 57 -2.80 5.96 -22.23
C LEU B 57 -1.73 5.20 -21.48
N PRO B 58 -0.51 5.07 -22.07
CA PRO B 58 0.57 4.34 -21.39
C PRO B 58 1.24 5.22 -20.33
N TRP B 59 0.55 5.39 -19.20
CA TRP B 59 0.97 6.24 -18.08
C TRP B 59 2.28 5.82 -17.42
N GLN B 60 2.79 4.61 -17.68
CA GLN B 60 4.06 4.15 -17.12
C GLN B 60 5.29 4.97 -17.58
N HIS B 61 5.13 5.80 -18.65
CA HIS B 61 6.17 6.68 -19.21
C HIS B 61 6.18 8.08 -18.57
N VAL B 62 5.24 8.35 -17.62
CA VAL B 62 5.03 9.63 -16.93
C VAL B 62 6.33 10.20 -16.27
N ASN B 63 7.18 9.34 -15.72
CA ASN B 63 8.40 9.83 -15.06
C ASN B 63 9.67 9.55 -15.89
N ARG B 64 9.51 9.41 -17.23
CA ARG B 64 10.60 9.07 -18.14
C ARG B 64 11.01 10.19 -19.12
N TYR B 65 10.62 11.45 -18.82
CA TYR B 65 10.90 12.66 -19.61
C TYR B 65 12.40 12.99 -19.80
N ASN B 66 13.28 12.42 -18.95
CA ASN B 66 14.73 12.66 -19.05
C ASN B 66 15.44 11.76 -20.04
N PHE B 67 14.70 10.81 -20.68
CA PHE B 67 15.28 9.82 -21.59
C PHE B 67 14.63 9.89 -22.96
N VAL B 68 15.45 9.68 -24.01
CA VAL B 68 15.00 9.93 -25.39
C VAL B 68 14.77 8.66 -26.24
N PHE B 69 15.83 7.89 -26.59
CA PHE B 69 15.73 6.76 -27.50
C PHE B 69 15.13 5.51 -26.88
N SER B 70 15.28 5.33 -25.57
CA SER B 70 14.72 4.24 -24.77
C SER B 70 14.76 4.68 -23.32
N SER B 71 14.00 4.01 -22.44
CA SER B 71 13.89 4.44 -21.06
C SER B 71 13.61 3.31 -20.05
N THR B 72 13.96 2.05 -20.40
CA THR B 72 13.76 0.85 -19.56
C THR B 72 14.36 1.00 -18.14
N GLY B 73 15.48 1.73 -18.02
CA GLY B 73 16.14 2.03 -16.76
C GLY B 73 15.25 2.76 -15.76
N CYS B 74 14.19 3.45 -16.24
CA CYS B 74 13.21 4.10 -15.36
C CYS B 74 12.29 3.08 -14.70
N LYS B 75 12.18 1.88 -15.29
CA LYS B 75 11.31 0.81 -14.84
C LYS B 75 12.05 -0.27 -14.04
N VAL B 76 13.23 -0.70 -14.51
CA VAL B 76 13.99 -1.78 -13.87
C VAL B 76 15.44 -1.34 -13.60
N SER B 77 15.97 -1.77 -12.44
CA SER B 77 17.32 -1.44 -11.98
C SER B 77 17.93 -2.61 -11.25
N LEU B 78 19.23 -2.89 -11.54
CA LEU B 78 19.98 -3.98 -10.91
C LEU B 78 20.28 -3.68 -9.44
N LYS B 79 20.62 -2.42 -9.10
CA LYS B 79 20.87 -2.04 -7.71
C LYS B 79 19.60 -2.19 -6.87
N THR B 80 18.45 -1.76 -7.41
CA THR B 80 17.15 -1.82 -6.73
C THR B 80 16.63 -3.25 -6.53
N CYS B 81 16.66 -4.07 -7.60
CA CYS B 81 16.09 -5.41 -7.59
C CYS B 81 17.03 -6.52 -7.14
N ILE B 82 18.29 -6.51 -7.59
CA ILE B 82 19.23 -7.59 -7.28
C ILE B 82 20.56 -7.05 -6.67
N GLY B 83 20.44 -6.03 -5.82
CA GLY B 83 21.56 -5.37 -5.15
C GLY B 83 22.48 -6.30 -4.38
N LYS B 84 21.90 -7.25 -3.61
CA LYS B 84 22.64 -8.23 -2.82
C LYS B 84 23.42 -9.18 -3.72
N LEU B 85 22.79 -9.68 -4.80
CA LEU B 85 23.42 -10.58 -5.77
C LEU B 85 24.60 -9.89 -6.46
N MET B 86 24.43 -8.59 -6.81
CA MET B 86 25.45 -7.74 -7.42
C MET B 86 26.64 -7.59 -6.48
N LYS B 87 26.37 -7.40 -5.18
CA LYS B 87 27.37 -7.28 -4.12
C LYS B 87 28.11 -8.60 -3.90
N ASP B 88 27.36 -9.72 -3.79
CA ASP B 88 27.92 -11.05 -3.54
C ASP B 88 28.72 -11.64 -4.71
N LEU B 89 28.20 -11.55 -5.95
CA LEU B 89 28.93 -12.08 -7.10
C LEU B 89 30.07 -11.17 -7.54
N ASN B 90 29.93 -9.85 -7.31
CA ASN B 90 30.90 -8.81 -7.66
C ASN B 90 31.41 -8.96 -9.12
N PRO B 91 30.52 -8.93 -10.14
CA PRO B 91 31.00 -9.10 -11.53
C PRO B 91 31.81 -7.89 -12.01
N LYS B 92 32.85 -8.15 -12.80
CA LYS B 92 33.65 -7.08 -13.38
C LYS B 92 33.02 -6.71 -14.72
N VAL B 93 32.33 -7.69 -15.35
CA VAL B 93 31.66 -7.58 -16.65
C VAL B 93 30.21 -8.05 -16.53
N LEU B 94 29.28 -7.27 -17.10
CA LEU B 94 27.86 -7.63 -17.20
C LEU B 94 27.53 -7.83 -18.67
N TYR B 95 26.70 -8.85 -18.96
CA TYR B 95 26.29 -9.20 -20.31
C TYR B 95 24.84 -8.80 -20.53
N PHE B 96 24.61 -7.82 -21.40
CA PHE B 96 23.27 -7.31 -21.73
C PHE B 96 22.86 -7.78 -23.11
N ILE B 97 21.81 -8.61 -23.19
CA ILE B 97 21.32 -9.13 -24.48
C ILE B 97 19.91 -8.59 -24.76
N GLY B 98 19.58 -8.41 -26.05
CA GLY B 98 18.33 -7.79 -26.49
C GLY B 98 18.16 -6.43 -25.85
N GLU B 99 19.28 -5.65 -25.80
CA GLU B 99 19.38 -4.41 -25.04
C GLU B 99 19.08 -3.12 -25.83
N GLY B 100 18.70 -3.24 -27.11
CA GLY B 100 18.30 -2.09 -27.93
C GLY B 100 19.14 -0.83 -27.76
N ALA B 101 18.49 0.31 -27.42
CA ALA B 101 19.21 1.58 -27.25
C ALA B 101 20.07 1.66 -25.95
N GLY B 102 19.93 0.68 -25.06
CA GLY B 102 20.76 0.55 -23.87
C GLY B 102 20.54 1.46 -22.68
N ASN B 103 19.28 1.86 -22.41
CA ASN B 103 18.97 2.70 -21.25
C ASN B 103 19.13 1.93 -19.93
N TRP B 104 18.78 0.63 -19.90
CA TRP B 104 18.91 -0.20 -18.71
C TRP B 104 20.40 -0.39 -18.39
N MET B 105 21.21 -0.65 -19.43
CA MET B 105 22.66 -0.78 -19.34
C MET B 105 23.27 0.56 -18.86
N ALA B 106 22.71 1.71 -19.33
CA ALA B 106 23.15 3.06 -18.95
C ALA B 106 22.93 3.35 -17.46
N ARG B 107 21.75 2.95 -16.90
CA ARG B 107 21.46 3.14 -15.47
C ARG B 107 22.43 2.32 -14.63
N THR B 108 22.70 1.07 -15.07
CA THR B 108 23.61 0.13 -14.44
C THR B 108 25.04 0.72 -14.38
N ALA B 109 25.48 1.40 -15.47
CA ALA B 109 26.78 2.07 -15.59
C ALA B 109 26.90 3.25 -14.60
N CYS B 110 25.77 3.85 -14.21
CA CYS B 110 25.68 4.95 -13.24
C CYS B 110 25.71 4.41 -11.81
N GLU B 111 25.08 3.25 -11.58
CA GLU B 111 24.97 2.57 -10.27
C GLU B 111 26.26 1.85 -9.93
N TYR B 112 26.95 1.32 -10.95
CA TYR B 112 28.19 0.56 -10.79
C TYR B 112 29.23 1.20 -11.70
N PRO B 113 29.91 2.29 -11.25
CA PRO B 113 30.85 3.01 -12.14
C PRO B 113 32.09 2.25 -12.64
N ASP B 114 32.45 1.12 -12.03
CA ASP B 114 33.65 0.36 -12.41
C ASP B 114 33.38 -0.86 -13.30
N ILE B 115 32.10 -1.21 -13.50
CA ILE B 115 31.69 -2.36 -14.30
C ILE B 115 31.84 -2.11 -15.81
N LYS B 116 32.29 -3.14 -16.53
CA LYS B 116 32.46 -3.16 -17.98
C LYS B 116 31.29 -3.95 -18.60
N PHE B 117 31.01 -3.75 -19.90
CA PHE B 117 29.86 -4.39 -20.52
C PHE B 117 30.10 -5.07 -21.84
N VAL B 118 29.34 -6.15 -22.07
CA VAL B 118 29.24 -6.86 -23.34
C VAL B 118 27.78 -6.63 -23.72
N TYR B 119 27.56 -5.98 -24.88
CA TYR B 119 26.25 -5.60 -25.38
C TYR B 119 25.89 -6.42 -26.61
N ARG B 120 24.63 -6.90 -26.66
CA ARG B 120 24.06 -7.60 -27.79
C ARG B 120 22.60 -7.19 -27.97
N SER B 121 22.18 -7.01 -29.23
CA SER B 121 20.79 -6.73 -29.59
C SER B 121 20.61 -7.07 -31.06
N LEU B 122 19.48 -7.72 -31.41
CA LEU B 122 19.15 -8.15 -32.78
C LEU B 122 19.36 -7.03 -33.81
N LYS B 123 20.21 -7.30 -34.81
CA LYS B 123 20.54 -6.39 -35.91
C LYS B 123 19.50 -6.62 -37.02
N ASP B 124 18.49 -5.75 -37.13
CA ASP B 124 17.43 -5.91 -38.13
C ASP B 124 16.98 -4.60 -38.79
N ASP B 125 17.40 -3.43 -38.23
CA ASP B 125 17.06 -2.07 -38.69
C ASP B 125 15.59 -1.64 -38.36
N LEU B 126 14.89 -2.44 -37.53
CA LEU B 126 13.53 -2.13 -37.06
C LEU B 126 13.67 -1.34 -35.74
N ASP B 127 14.57 -1.79 -34.87
CA ASP B 127 14.89 -1.18 -33.57
C ASP B 127 16.40 -0.84 -33.56
N HIS B 128 16.93 -0.39 -32.43
CA HIS B 128 18.34 -0.04 -32.26
C HIS B 128 19.18 -1.29 -32.01
N HIS B 129 20.29 -1.42 -32.73
CA HIS B 129 21.26 -2.51 -32.54
C HIS B 129 22.63 -1.90 -32.19
N TYR B 130 22.59 -0.60 -31.84
CA TYR B 130 23.70 0.22 -31.34
C TYR B 130 23.14 0.89 -30.06
N PRO B 131 23.89 0.92 -28.94
CA PRO B 131 23.32 1.51 -27.71
C PRO B 131 23.33 3.05 -27.70
N LEU B 132 22.46 3.62 -28.54
CA LEU B 132 22.29 5.06 -28.76
C LEU B 132 21.94 5.84 -27.48
N GLU B 133 21.11 5.25 -26.59
CA GLU B 133 20.73 5.87 -25.31
C GLU B 133 21.86 5.82 -24.29
N TYR B 134 22.63 4.70 -24.27
CA TYR B 134 23.80 4.58 -23.37
C TYR B 134 24.82 5.66 -23.76
N GLN B 135 25.08 5.83 -25.08
CA GLN B 135 26.02 6.83 -25.63
C GLN B 135 25.62 8.24 -25.20
N ARG B 136 24.32 8.55 -25.27
CA ARG B 136 23.75 9.86 -24.91
C ARG B 136 23.86 10.13 -23.39
N VAL B 137 23.58 9.11 -22.54
CA VAL B 137 23.60 9.21 -21.07
C VAL B 137 25.04 9.22 -20.53
N ILE B 138 25.85 8.23 -20.92
CA ILE B 138 27.24 8.06 -20.44
C ILE B 138 28.22 9.00 -21.15
N GLY B 139 28.01 9.27 -22.43
CA GLY B 139 28.85 10.17 -23.21
C GLY B 139 29.74 9.50 -24.22
N GLU B 140 30.25 8.29 -23.89
CA GLU B 140 31.14 7.49 -24.72
C GLU B 140 31.04 5.99 -24.38
N LEU B 141 31.56 5.13 -25.27
CA LEU B 141 31.45 3.67 -25.18
C LEU B 141 32.71 2.92 -24.68
N SER B 142 33.66 3.61 -24.00
CA SER B 142 34.89 2.97 -23.48
C SER B 142 34.64 1.78 -22.54
N ARG B 143 33.56 1.83 -21.72
CA ARG B 143 33.19 0.75 -20.79
C ARG B 143 32.49 -0.43 -21.47
N ILE B 144 32.02 -0.25 -22.71
CA ILE B 144 31.43 -1.34 -23.48
C ILE B 144 32.61 -1.94 -24.26
N ILE B 145 33.20 -3.00 -23.71
CA ILE B 145 34.38 -3.66 -24.28
C ILE B 145 34.04 -4.48 -25.54
N ASP B 146 32.75 -4.82 -25.71
CA ASP B 146 32.22 -5.56 -26.85
C ASP B 146 30.78 -5.06 -27.11
N SER B 147 30.60 -4.28 -28.18
CA SER B 147 29.31 -3.70 -28.59
C SER B 147 28.69 -4.41 -29.79
N GLY B 148 29.24 -5.56 -30.17
CA GLY B 148 28.74 -6.35 -31.29
C GLY B 148 29.14 -5.83 -32.65
N GLU B 149 30.26 -5.08 -32.73
CA GLU B 149 30.79 -4.54 -33.99
C GLU B 149 31.15 -5.72 -34.88
N GLY B 150 30.79 -5.61 -36.15
CA GLY B 150 31.10 -6.61 -37.16
C GLY B 150 30.30 -7.90 -37.10
N LEU B 151 29.27 -7.97 -36.25
CA LEU B 151 28.45 -9.17 -36.13
C LEU B 151 27.31 -9.17 -37.15
N SER B 152 26.89 -10.37 -37.58
CA SER B 152 25.77 -10.57 -38.52
C SER B 152 24.46 -10.61 -37.74
N MET B 153 23.31 -10.64 -38.44
CA MET B 153 21.98 -10.72 -37.83
C MET B 153 21.85 -11.96 -36.92
N GLU B 154 22.38 -13.10 -37.39
CA GLU B 154 22.39 -14.39 -36.70
C GLU B 154 23.16 -14.34 -35.35
N THR B 155 24.35 -13.72 -35.33
CA THR B 155 25.22 -13.66 -34.14
C THR B 155 24.80 -12.56 -33.14
N THR B 156 23.74 -11.78 -33.46
CA THR B 156 23.16 -10.76 -32.57
C THR B 156 21.80 -11.25 -32.05
N ASP B 157 21.35 -12.42 -32.54
CA ASP B 157 20.07 -13.05 -32.21
C ASP B 157 20.24 -14.02 -31.05
N ALA B 158 19.62 -13.70 -29.89
CA ALA B 158 19.67 -14.49 -28.65
C ALA B 158 19.07 -15.93 -28.77
N THR B 159 18.32 -16.19 -29.86
CA THR B 159 17.71 -17.51 -30.13
C THR B 159 18.62 -18.38 -31.03
N GLN B 160 19.84 -17.88 -31.36
CA GLN B 160 20.83 -18.56 -32.20
C GLN B 160 22.06 -18.97 -31.38
N LYS B 161 22.54 -20.19 -31.59
CA LYS B 161 23.72 -20.77 -30.91
C LYS B 161 25.00 -19.94 -31.15
N THR B 162 25.20 -19.46 -32.40
CA THR B 162 26.39 -18.67 -32.80
C THR B 162 26.51 -17.37 -31.99
N HIS B 163 25.37 -16.77 -31.59
CA HIS B 163 25.33 -15.58 -30.72
C HIS B 163 25.99 -15.90 -29.37
N TRP B 164 25.69 -17.08 -28.80
CA TRP B 164 26.23 -17.53 -27.53
C TRP B 164 27.69 -18.00 -27.64
N ASP B 165 28.07 -18.62 -28.77
CA ASP B 165 29.43 -19.10 -29.02
C ASP B 165 30.42 -17.95 -29.16
N LEU B 166 29.96 -16.77 -29.60
CA LEU B 166 30.78 -15.58 -29.79
C LEU B 166 30.69 -14.55 -28.66
N ILE B 167 30.00 -14.88 -27.55
CA ILE B 167 29.82 -13.98 -26.40
C ILE B 167 31.15 -13.64 -25.68
N HIS B 168 32.17 -14.52 -25.82
CA HIS B 168 33.48 -14.37 -25.20
C HIS B 168 34.59 -13.92 -26.16
N ARG B 169 34.24 -13.38 -27.35
CA ARG B 169 35.26 -12.95 -28.33
C ARG B 169 36.19 -11.84 -27.78
N VAL B 170 35.71 -11.04 -26.79
CA VAL B 170 36.48 -10.00 -26.11
C VAL B 170 36.61 -10.39 -24.63
N SER B 171 35.47 -10.43 -23.91
CA SER B 171 35.43 -10.72 -22.48
C SER B 171 35.66 -12.20 -22.16
N LYS B 172 36.68 -12.47 -21.33
CA LYS B 172 37.00 -13.82 -20.88
C LYS B 172 36.45 -14.06 -19.46
N ASP B 173 35.53 -13.19 -19.02
CA ASP B 173 34.87 -13.30 -17.72
C ASP B 173 33.63 -14.16 -17.88
N ALA B 174 33.31 -14.95 -16.85
CA ALA B 174 32.12 -15.80 -16.87
C ALA B 174 30.82 -15.00 -16.89
N LEU B 175 29.76 -15.63 -17.40
CA LEU B 175 28.43 -15.03 -17.44
C LEU B 175 27.81 -15.18 -16.03
N LEU B 176 28.33 -14.41 -15.06
CA LEU B 176 27.86 -14.44 -13.67
C LEU B 176 26.41 -13.97 -13.60
N ILE B 177 26.13 -12.84 -14.28
CA ILE B 177 24.83 -12.22 -14.41
C ILE B 177 24.65 -11.81 -15.87
N THR B 178 23.64 -12.38 -16.53
CA THR B 178 23.24 -12.04 -17.90
C THR B 178 21.89 -11.36 -17.77
N LEU B 179 21.72 -10.22 -18.44
CA LEU B 179 20.48 -9.47 -18.46
C LEU B 179 19.86 -9.59 -19.84
N CYS B 180 18.57 -9.92 -19.91
CA CYS B 180 17.83 -10.03 -21.16
C CYS B 180 16.55 -9.25 -21.12
N ASP B 181 16.46 -8.21 -21.96
CA ASP B 181 15.25 -7.41 -22.05
C ASP B 181 14.63 -7.52 -23.45
N ALA B 182 14.96 -8.60 -24.17
CA ALA B 182 14.43 -8.83 -25.50
C ALA B 182 12.91 -9.02 -25.54
N GLU B 183 12.29 -8.38 -26.53
CA GLU B 183 10.88 -8.47 -26.85
C GLU B 183 10.87 -9.33 -28.09
N PHE B 184 10.67 -10.63 -27.93
CA PHE B 184 10.71 -11.61 -29.01
C PHE B 184 9.48 -11.57 -29.93
N LYS B 185 9.68 -11.89 -31.22
CA LYS B 185 8.62 -11.93 -32.24
C LYS B 185 7.58 -13.01 -31.90
N ASP B 186 8.02 -14.14 -31.30
CA ASP B 186 7.17 -15.26 -30.89
C ASP B 186 7.47 -15.67 -29.45
N ARG B 187 6.47 -16.21 -28.74
CA ARG B 187 6.57 -16.69 -27.35
C ARG B 187 7.60 -17.83 -27.19
N ASP B 188 7.71 -18.72 -28.20
CA ASP B 188 8.66 -19.84 -28.21
C ASP B 188 10.13 -19.39 -28.19
N ASP B 189 10.40 -18.16 -28.68
CA ASP B 189 11.74 -17.57 -28.71
C ASP B 189 12.33 -17.38 -27.32
N PHE B 190 11.50 -17.10 -26.29
CA PHE B 190 11.95 -16.94 -24.89
C PHE B 190 12.62 -18.23 -24.42
N PHE B 191 11.99 -19.39 -24.67
CA PHE B 191 12.48 -20.73 -24.32
C PHE B 191 13.73 -21.08 -25.08
N LYS B 192 13.79 -20.73 -26.38
CA LYS B 192 14.94 -20.96 -27.25
C LYS B 192 16.16 -20.25 -26.67
N MET B 193 15.98 -19.00 -26.21
CA MET B 193 17.01 -18.18 -25.59
C MET B 193 17.48 -18.80 -24.26
N VAL B 194 16.53 -19.20 -23.39
CA VAL B 194 16.82 -19.79 -22.07
C VAL B 194 17.60 -21.10 -22.23
N ILE B 195 17.19 -21.95 -23.19
CA ILE B 195 17.85 -23.24 -23.49
C ILE B 195 19.32 -22.97 -23.91
N LEU B 196 19.53 -21.96 -24.77
CA LEU B 196 20.87 -21.60 -25.24
C LEU B 196 21.74 -20.99 -24.14
N TRP B 197 21.14 -20.22 -23.20
CA TRP B 197 21.86 -19.68 -22.05
C TRP B 197 22.40 -20.86 -21.23
N ARG B 198 21.51 -21.82 -20.90
CA ARG B 198 21.81 -23.03 -20.13
C ARG B 198 22.86 -23.90 -20.84
N LYS B 199 22.72 -24.11 -22.17
CA LYS B 199 23.66 -24.90 -22.97
C LYS B 199 25.04 -24.26 -22.95
N HIS B 200 25.10 -22.92 -22.96
CA HIS B 200 26.36 -22.19 -22.91
C HIS B 200 27.03 -22.30 -21.54
N VAL B 201 26.31 -21.94 -20.45
CA VAL B 201 26.88 -21.91 -19.10
C VAL B 201 27.27 -23.30 -18.57
N LEU B 202 26.73 -24.37 -19.18
CA LEU B 202 27.06 -25.75 -18.81
C LEU B 202 28.14 -26.39 -19.71
N SER B 203 28.54 -25.70 -20.81
CA SER B 203 29.56 -26.19 -21.77
C SER B 203 30.82 -25.34 -21.76
N CYS B 204 30.65 -24.01 -21.61
CA CYS B 204 31.73 -23.03 -21.63
C CYS B 204 32.79 -23.25 -20.56
N ARG B 205 34.06 -23.37 -21.01
CA ARG B 205 35.26 -23.56 -20.18
C ARG B 205 35.39 -22.44 -19.14
N ILE B 206 35.04 -21.20 -19.54
CA ILE B 206 35.07 -20.02 -18.67
C ILE B 206 33.94 -20.09 -17.60
N CYS B 207 32.69 -20.30 -18.05
CA CYS B 207 31.50 -20.31 -17.18
C CYS B 207 31.42 -21.51 -16.22
N THR B 208 31.81 -22.72 -16.67
CA THR B 208 31.73 -23.94 -15.82
C THR B 208 32.61 -23.88 -14.55
N THR B 209 33.61 -22.97 -14.52
CA THR B 209 34.47 -22.71 -13.35
C THR B 209 33.63 -22.28 -12.10
N TYR B 210 32.45 -21.63 -12.32
CA TYR B 210 31.56 -21.12 -11.28
C TYR B 210 30.39 -22.04 -10.92
N GLY B 211 30.31 -23.19 -11.60
CA GLY B 211 29.28 -24.19 -11.37
C GLY B 211 27.88 -23.70 -11.65
N THR B 212 26.96 -23.95 -10.71
CA THR B 212 25.56 -23.60 -10.83
C THR B 212 25.24 -22.15 -10.42
N ASP B 213 26.23 -21.41 -9.87
CA ASP B 213 26.02 -20.05 -9.35
C ASP B 213 26.11 -18.97 -10.45
N LEU B 214 25.32 -19.17 -11.52
CA LEU B 214 25.22 -18.30 -12.69
C LEU B 214 23.76 -17.89 -12.85
N TYR B 215 23.53 -16.62 -13.22
CA TYR B 215 22.20 -16.06 -13.24
C TYR B 215 21.78 -15.38 -14.55
N LEU B 216 20.50 -15.52 -14.90
CA LEU B 216 19.89 -14.89 -16.06
C LEU B 216 18.68 -14.11 -15.57
N PHE B 217 18.73 -12.77 -15.67
CA PHE B 217 17.63 -11.91 -15.25
C PHE B 217 16.95 -11.46 -16.54
N ALA B 218 15.81 -12.10 -16.85
CA ALA B 218 15.12 -11.89 -18.12
C ALA B 218 13.68 -11.43 -18.05
N LYS B 219 13.28 -10.61 -19.03
CA LYS B 219 11.92 -10.11 -19.17
C LYS B 219 11.03 -11.24 -19.68
N TYR B 220 9.87 -11.42 -19.05
CA TYR B 220 8.93 -12.45 -19.43
C TYR B 220 7.51 -11.90 -19.40
N HIS B 221 6.66 -12.37 -20.31
CA HIS B 221 5.25 -12.00 -20.34
C HIS B 221 4.49 -13.23 -19.86
N ALA B 222 3.99 -13.17 -18.61
CA ALA B 222 3.26 -14.25 -17.96
C ALA B 222 1.95 -14.56 -18.67
N LYS B 223 1.70 -15.84 -18.94
CA LYS B 223 0.48 -16.26 -19.63
C LYS B 223 -0.16 -17.45 -18.87
N ASP B 224 -0.05 -18.67 -19.42
CA ASP B 224 -0.62 -19.89 -18.83
C ASP B 224 0.15 -20.40 -17.61
N CYS B 225 -0.54 -21.17 -16.74
CA CYS B 225 0.05 -21.80 -15.56
C CYS B 225 0.57 -23.15 -15.95
N ASN B 226 1.34 -23.78 -15.05
CA ASN B 226 1.94 -25.12 -15.20
C ASN B 226 2.86 -25.20 -16.43
N VAL B 227 3.48 -24.07 -16.79
CA VAL B 227 4.43 -23.98 -17.90
C VAL B 227 5.80 -24.14 -17.23
N LYS B 228 6.42 -25.29 -17.45
CA LYS B 228 7.71 -25.62 -16.86
C LYS B 228 8.82 -24.93 -17.60
N LEU B 229 9.83 -24.49 -16.84
CA LEU B 229 11.05 -23.89 -17.41
C LEU B 229 11.83 -25.04 -18.03
N PRO B 230 12.78 -24.78 -18.97
CA PRO B 230 13.59 -25.90 -19.51
C PRO B 230 14.27 -26.74 -18.42
N PHE B 231 14.70 -27.96 -18.76
CA PHE B 231 15.39 -28.83 -17.80
C PHE B 231 16.63 -28.14 -17.20
N PHE B 232 16.80 -28.28 -15.89
CA PHE B 232 17.90 -27.74 -15.06
C PHE B 232 17.97 -26.18 -15.05
N VAL B 233 16.82 -25.51 -15.29
CA VAL B 233 16.69 -24.04 -15.19
C VAL B 233 15.66 -23.78 -14.10
N ARG B 234 16.05 -23.03 -13.07
CA ARG B 234 15.22 -22.76 -11.91
C ARG B 234 15.01 -21.25 -11.66
N SER B 235 13.75 -20.85 -11.43
CA SER B 235 13.39 -19.48 -11.08
C SER B 235 13.65 -19.26 -9.59
N VAL B 236 14.39 -18.19 -9.25
CA VAL B 236 14.73 -17.81 -7.87
C VAL B 236 13.69 -16.81 -7.36
N ALA B 237 13.30 -15.85 -8.22
CA ALA B 237 12.34 -14.79 -7.87
C ALA B 237 11.67 -14.21 -9.11
N THR B 238 10.48 -13.64 -8.90
CA THR B 238 9.69 -12.93 -9.91
C THR B 238 9.55 -11.49 -9.45
N PHE B 239 9.85 -10.53 -10.34
CA PHE B 239 9.80 -9.10 -10.04
C PHE B 239 8.69 -8.44 -10.85
N ILE B 240 7.78 -7.76 -10.15
CA ILE B 240 6.65 -7.03 -10.74
C ILE B 240 6.99 -5.56 -10.61
N MET B 241 7.13 -4.89 -11.74
CA MET B 241 7.57 -3.49 -11.78
C MET B 241 6.42 -2.53 -11.94
N GLN B 242 6.44 -1.42 -11.17
CA GLN B 242 5.47 -0.34 -11.26
C GLN B 242 5.45 0.25 -12.69
N GLY B 243 6.62 0.33 -13.33
CA GLY B 243 6.81 0.87 -14.68
C GLY B 243 6.37 0.01 -15.84
N SER B 244 5.83 -1.18 -15.59
CA SER B 244 5.32 -2.05 -16.65
C SER B 244 3.88 -1.62 -16.98
N LYS B 245 3.46 -1.76 -18.25
CA LYS B 245 2.10 -1.41 -18.68
C LYS B 245 1.05 -2.07 -17.77
N LEU B 246 0.09 -1.29 -17.29
CA LEU B 246 -0.96 -1.76 -16.38
C LEU B 246 -1.81 -2.92 -16.94
N SER B 247 -2.18 -2.86 -18.23
CA SER B 247 -3.01 -3.91 -18.85
C SER B 247 -2.20 -5.18 -19.22
N GLY B 248 -0.86 -5.08 -19.24
CA GLY B 248 0.03 -6.18 -19.60
C GLY B 248 0.31 -7.19 -18.51
N SER B 249 1.21 -8.15 -18.80
CA SER B 249 1.58 -9.19 -17.84
C SER B 249 3.10 -9.39 -17.79
N GLU B 250 3.82 -8.31 -18.05
CA GLU B 250 5.29 -8.26 -18.03
C GLU B 250 5.82 -8.43 -16.61
N CYS B 251 6.93 -9.15 -16.49
CA CYS B 251 7.64 -9.36 -15.24
C CYS B 251 9.10 -9.69 -15.55
N TYR B 252 9.95 -9.63 -14.54
CA TYR B 252 11.37 -9.93 -14.69
C TYR B 252 11.69 -11.09 -13.78
N ILE B 253 12.20 -12.17 -14.36
CA ILE B 253 12.51 -13.36 -13.59
C ILE B 253 14.00 -13.55 -13.42
N LEU B 254 14.40 -13.90 -12.19
CA LEU B 254 15.79 -14.21 -11.88
C LEU B 254 15.91 -15.74 -11.96
N LEU B 255 16.65 -16.22 -12.96
CA LEU B 255 16.84 -17.64 -13.24
C LEU B 255 18.24 -18.11 -12.92
N THR B 256 18.38 -19.37 -12.51
CA THR B 256 19.67 -19.99 -12.21
C THR B 256 19.64 -21.46 -12.64
N LEU B 257 20.75 -22.18 -12.41
CA LEU B 257 20.84 -23.60 -12.72
C LEU B 257 20.39 -24.39 -11.50
N GLY B 258 19.55 -25.39 -11.74
CA GLY B 258 19.01 -26.25 -10.70
C GLY B 258 17.71 -26.89 -11.13
N HIS B 259 17.20 -27.85 -10.33
CA HIS B 259 15.95 -28.56 -10.59
C HIS B 259 14.86 -27.56 -10.98
N HIS B 260 14.30 -27.75 -12.19
CA HIS B 260 13.32 -26.83 -12.79
C HIS B 260 12.04 -26.67 -12.01
N ASN B 261 11.42 -25.51 -12.16
CA ASN B 261 10.13 -25.17 -11.58
C ASN B 261 9.31 -24.46 -12.66
N ASN B 262 8.14 -23.95 -12.29
CA ASN B 262 7.24 -23.30 -13.24
C ASN B 262 7.50 -21.82 -13.40
N LEU B 263 7.16 -21.29 -14.60
CA LEU B 263 7.20 -19.88 -14.91
C LEU B 263 5.98 -19.23 -14.25
N PRO B 264 5.99 -17.91 -13.91
CA PRO B 264 4.81 -17.32 -13.30
C PRO B 264 3.63 -17.27 -14.28
N CYS B 265 2.42 -17.40 -13.77
CA CYS B 265 1.27 -17.31 -14.65
C CYS B 265 0.60 -15.96 -14.45
N HIS B 266 -0.20 -15.55 -15.43
CA HIS B 266 -0.91 -14.28 -15.48
C HIS B 266 -1.65 -13.95 -14.16
N GLY B 267 -2.48 -14.89 -13.72
CA GLY B 267 -3.29 -14.79 -12.50
C GLY B 267 -2.50 -14.58 -11.23
N GLU B 268 -1.33 -15.23 -11.12
CA GLU B 268 -0.44 -15.18 -9.94
C GLU B 268 0.16 -13.81 -9.66
N ILE B 269 0.38 -13.00 -10.71
CA ILE B 269 1.05 -11.71 -10.59
C ILE B 269 0.07 -10.50 -10.59
N GLN B 270 -1.24 -10.76 -10.75
CA GLN B 270 -2.29 -9.73 -10.80
C GLN B 270 -2.43 -8.93 -9.51
N ASN B 271 -2.44 -9.60 -8.35
CA ASN B 271 -2.56 -8.94 -7.05
C ASN B 271 -1.40 -7.98 -6.79
N SER B 272 -0.15 -8.44 -7.08
CA SER B 272 1.08 -7.64 -6.95
C SER B 272 1.02 -6.39 -7.79
N LYS B 273 0.62 -6.54 -9.06
CA LYS B 273 0.51 -5.46 -10.03
C LYS B 273 -0.55 -4.43 -9.59
N MET B 274 -1.73 -4.91 -9.21
CA MET B 274 -2.84 -4.07 -8.75
C MET B 274 -2.52 -3.34 -7.45
N LYS B 275 -1.82 -4.00 -6.50
CA LYS B 275 -1.43 -3.38 -5.23
C LYS B 275 -0.54 -2.18 -5.49
N ILE B 276 0.45 -2.30 -6.40
CA ILE B 276 1.35 -1.21 -6.75
C ILE B 276 0.55 -0.05 -7.38
N ALA B 277 -0.36 -0.37 -8.32
CA ALA B 277 -1.20 0.61 -9.02
C ALA B 277 -2.12 1.38 -8.05
N VAL B 278 -2.73 0.66 -7.11
CA VAL B 278 -3.65 1.24 -6.12
C VAL B 278 -2.94 2.02 -5.00
N CYS B 279 -1.83 1.47 -4.46
CA CYS B 279 -1.17 2.02 -3.27
C CYS B 279 -0.02 2.96 -3.51
N ASN B 280 0.67 2.87 -4.65
CA ASN B 280 1.88 3.66 -4.83
C ASN B 280 1.80 4.77 -5.86
N ASP B 281 2.63 5.78 -5.65
CA ASP B 281 2.82 6.91 -6.56
C ASP B 281 4.12 6.65 -7.34
N PHE B 282 4.21 7.22 -8.55
CA PHE B 282 5.42 7.17 -9.35
C PHE B 282 6.33 8.27 -8.80
N TYR B 283 7.60 7.96 -8.59
CA TYR B 283 8.57 8.95 -8.12
C TYR B 283 9.06 9.76 -9.31
N ALA B 284 9.19 11.07 -9.13
CA ALA B 284 9.76 11.95 -10.14
C ALA B 284 11.26 11.85 -9.97
N ALA B 285 12.04 12.08 -11.04
CA ALA B 285 13.50 12.08 -10.96
C ALA B 285 13.93 13.29 -10.08
N LYS B 286 15.01 13.13 -9.29
CA LYS B 286 15.51 14.19 -8.40
C LYS B 286 15.91 15.43 -9.19
N LYS B 287 16.53 15.23 -10.37
CA LYS B 287 16.96 16.30 -11.26
C LYS B 287 16.29 16.24 -12.63
N LEU B 288 16.09 17.42 -13.22
CA LEU B 288 15.52 17.63 -14.55
C LEU B 288 16.67 17.73 -15.57
N ASP B 289 16.62 16.94 -16.64
CA ASP B 289 17.61 16.98 -17.71
C ASP B 289 16.95 17.79 -18.84
N ASN B 290 17.20 19.11 -18.84
CA ASN B 290 16.62 20.08 -19.76
C ASN B 290 16.87 19.78 -21.23
N LYS B 291 18.09 19.35 -21.59
CA LYS B 291 18.46 18.99 -22.97
C LYS B 291 17.60 17.80 -23.46
N SER B 292 17.39 16.79 -22.59
CA SER B 292 16.59 15.59 -22.88
C SER B 292 15.11 15.92 -22.98
N ILE B 293 14.61 16.81 -22.09
CA ILE B 293 13.20 17.25 -22.08
C ILE B 293 12.89 18.01 -23.39
N GLU B 294 13.81 18.92 -23.79
CA GLU B 294 13.71 19.70 -25.02
C GLU B 294 13.71 18.79 -26.24
N ALA B 295 14.56 17.74 -26.21
CA ALA B 295 14.64 16.74 -27.27
C ALA B 295 13.31 15.97 -27.38
N ASN B 296 12.70 15.59 -26.24
CA ASN B 296 11.40 14.89 -26.24
C ASN B 296 10.25 15.78 -26.71
N CYS B 297 10.27 17.07 -26.34
CA CYS B 297 9.27 18.09 -26.74
C CYS B 297 9.29 18.30 -28.25
N LYS B 298 10.50 18.52 -28.82
CA LYS B 298 10.70 18.73 -30.26
C LYS B 298 10.36 17.50 -31.09
N SER B 299 10.57 16.30 -30.51
CA SER B 299 10.25 15.02 -31.14
C SER B 299 8.73 14.79 -31.18
N LEU B 300 7.99 15.32 -30.18
CA LEU B 300 6.52 15.23 -30.11
C LEU B 300 5.88 16.24 -31.07
N LEU B 301 6.29 17.51 -30.94
CA LEU B 301 5.79 18.61 -31.76
C LEU B 301 6.98 19.49 -32.12
N SER B 302 7.36 19.48 -33.41
CA SER B 302 8.50 20.26 -33.93
C SER B 302 8.35 21.73 -33.59
N GLY B 303 9.33 22.25 -32.86
CA GLY B 303 9.35 23.65 -32.44
C GLY B 303 8.81 23.93 -31.05
N LEU B 304 8.33 22.88 -30.34
CA LEU B 304 7.80 23.02 -28.98
C LEU B 304 8.93 23.35 -28.00
N ARG B 305 8.75 24.44 -27.24
CA ARG B 305 9.74 24.94 -26.29
C ARG B 305 9.31 24.76 -24.84
N ILE B 306 10.29 24.77 -23.92
CA ILE B 306 10.08 24.73 -22.48
C ILE B 306 10.41 26.13 -21.87
N PRO B 307 9.65 26.66 -20.89
CA PRO B 307 8.49 26.05 -20.20
C PRO B 307 7.24 25.99 -21.07
N ILE B 308 6.45 24.92 -20.90
CA ILE B 308 5.20 24.78 -21.65
C ILE B 308 4.10 25.49 -20.85
N ASN B 309 3.71 26.69 -21.33
CA ASN B 309 2.69 27.53 -20.70
C ASN B 309 1.60 27.91 -21.70
N LYS B 310 0.66 28.78 -21.29
CA LYS B 310 -0.44 29.28 -22.11
C LYS B 310 0.08 30.03 -23.34
N LYS B 311 1.17 30.83 -23.16
CA LYS B 311 1.84 31.60 -24.20
C LYS B 311 2.45 30.69 -25.27
N GLU B 312 3.14 29.61 -24.85
CA GLU B 312 3.78 28.62 -25.74
C GLU B 312 2.73 27.83 -26.56
N LEU B 313 1.60 27.46 -25.92
CA LEU B 313 0.55 26.71 -26.59
C LEU B 313 -0.27 27.58 -27.56
N ASN B 314 -0.39 28.89 -27.26
CA ASN B 314 -1.07 29.85 -28.15
C ASN B 314 -0.19 30.13 -29.36
N ARG B 315 1.15 30.13 -29.16
CA ARG B 315 2.18 30.33 -30.18
C ARG B 315 2.15 29.16 -31.18
N GLN B 316 2.00 27.91 -30.67
CA GLN B 316 1.90 26.67 -31.46
C GLN B 316 0.63 26.66 -32.31
N ARG B 317 -0.51 27.13 -31.74
CA ARG B 317 -1.80 27.21 -32.44
C ARG B 317 -1.73 28.23 -33.58
N ARG B 318 -1.05 29.38 -33.33
CA ARG B 318 -0.84 30.47 -34.29
C ARG B 318 -0.07 29.99 -35.52
N LEU B 319 1.01 29.20 -35.30
CA LEU B 319 1.87 28.62 -36.35
C LEU B 319 1.08 27.74 -37.32
N LEU B 320 0.09 27.00 -36.80
CA LEU B 320 -0.78 26.07 -37.54
C LEU B 320 -1.69 26.79 -38.54
N THR B 321 -2.31 27.91 -38.12
CA THR B 321 -3.19 28.75 -38.95
C THR B 321 -2.38 29.47 -40.05
N LEU B 322 -1.08 29.71 -39.78
CA LEU B 322 -0.13 30.36 -40.69
C LEU B 322 0.53 29.30 -41.58
N SER B 340 -0.25 16.96 -44.74
CA SER B 340 -0.41 18.41 -44.71
C SER B 340 -1.56 18.80 -43.78
N LYS B 341 -2.82 18.45 -44.16
CA LYS B 341 -4.02 18.68 -43.35
C LYS B 341 -4.02 17.65 -42.21
N TRP B 342 -3.39 16.49 -42.47
CA TRP B 342 -3.21 15.38 -41.54
C TRP B 342 -2.21 15.75 -40.42
N LEU B 343 -1.11 16.44 -40.77
CA LEU B 343 -0.08 16.89 -39.83
C LEU B 343 -0.59 17.97 -38.87
N THR B 344 -1.44 18.89 -39.36
CA THR B 344 -2.04 19.96 -38.55
C THR B 344 -3.09 19.37 -37.60
N ASN B 345 -3.82 18.33 -38.07
CA ASN B 345 -4.84 17.60 -37.31
C ASN B 345 -4.19 16.89 -36.11
N LYS B 346 -2.99 16.29 -36.33
CA LYS B 346 -2.17 15.62 -35.31
C LYS B 346 -1.63 16.64 -34.32
N ALA B 347 -1.16 17.80 -34.84
CA ALA B 347 -0.60 18.91 -34.05
C ALA B 347 -1.67 19.49 -33.12
N ASN B 348 -2.90 19.68 -33.63
CA ASN B 348 -4.05 20.19 -32.87
C ASN B 348 -4.44 19.25 -31.74
N THR B 349 -4.40 17.93 -32.00
CA THR B 349 -4.68 16.86 -31.04
C THR B 349 -3.69 16.94 -29.87
N ILE B 350 -2.38 17.15 -30.18
CA ILE B 350 -1.31 17.27 -29.20
C ILE B 350 -1.50 18.52 -28.32
N ILE B 351 -1.69 19.71 -28.95
CA ILE B 351 -1.89 21.00 -28.28
C ILE B 351 -3.12 20.96 -27.35
N ASP B 352 -4.24 20.37 -27.82
CA ASP B 352 -5.48 20.22 -27.04
C ASP B 352 -5.23 19.41 -25.76
N TRP B 353 -4.43 18.33 -25.84
CA TRP B 353 -4.08 17.51 -24.69
C TRP B 353 -3.18 18.27 -23.71
N LEU B 354 -2.12 18.93 -24.22
CA LEU B 354 -1.19 19.70 -23.40
C LEU B 354 -1.87 20.87 -22.71
N GLU B 355 -2.89 21.47 -23.37
CA GLU B 355 -3.72 22.55 -22.83
C GLU B 355 -4.58 21.99 -21.68
N HIS B 356 -5.12 20.77 -21.85
CA HIS B 356 -5.92 20.08 -20.83
C HIS B 356 -5.08 19.81 -19.58
N ILE B 357 -3.81 19.39 -19.77
CA ILE B 357 -2.86 19.12 -18.69
C ILE B 357 -2.51 20.41 -17.97
N LEU B 358 -2.27 21.49 -18.74
CA LEU B 358 -1.97 22.83 -18.24
C LEU B 358 -3.10 23.38 -17.37
N ASN B 359 -4.37 23.18 -17.80
CA ASN B 359 -5.56 23.64 -17.09
C ASN B 359 -6.00 22.70 -15.96
N SER B 360 -5.43 21.49 -15.90
CA SER B 360 -5.74 20.50 -14.87
C SER B 360 -5.14 20.85 -13.51
N PRO B 361 -5.79 20.49 -12.38
CA PRO B 361 -5.19 20.79 -11.06
C PRO B 361 -4.01 19.88 -10.78
N LYS B 362 -3.14 20.27 -9.82
CA LYS B 362 -2.00 19.43 -9.47
C LYS B 362 -2.46 18.25 -8.62
N GLY B 363 -1.85 17.10 -8.87
CA GLY B 363 -2.11 15.86 -8.15
C GLY B 363 -0.85 15.02 -8.05
N GLU B 364 -0.94 13.90 -7.33
CA GLU B 364 0.18 12.97 -7.18
C GLU B 364 0.25 12.07 -8.41
N LEU B 365 1.45 11.56 -8.74
CA LEU B 365 1.62 10.70 -9.90
C LEU B 365 1.11 9.29 -9.62
N ASN B 366 -0.20 9.09 -9.70
CA ASN B 366 -0.82 7.79 -9.48
C ASN B 366 -1.98 7.54 -10.43
N TYR B 367 -2.38 6.27 -10.58
CA TYR B 367 -3.44 5.86 -11.51
C TYR B 367 -4.81 6.48 -11.22
N ASP B 368 -5.10 6.82 -9.95
CA ASP B 368 -6.35 7.51 -9.60
C ASP B 368 -6.37 8.91 -10.24
N PHE B 369 -5.23 9.61 -10.22
CA PHE B 369 -5.10 10.93 -10.83
C PHE B 369 -5.09 10.84 -12.37
N PHE B 370 -4.40 9.83 -12.93
CA PHE B 370 -4.30 9.61 -14.39
C PHE B 370 -5.69 9.30 -14.98
N GLU B 371 -6.49 8.50 -14.26
CA GLU B 371 -7.88 8.18 -14.60
C GLU B 371 -8.70 9.47 -14.63
N ALA B 372 -8.52 10.36 -13.63
CA ALA B 372 -9.21 11.65 -13.56
C ALA B 372 -8.83 12.56 -14.74
N LEU B 373 -7.54 12.57 -15.15
CA LEU B 373 -7.05 13.36 -16.28
C LEU B 373 -7.69 12.91 -17.59
N GLU B 374 -7.76 11.60 -17.83
CA GLU B 374 -8.37 11.04 -19.03
C GLU B 374 -9.88 11.25 -19.07
N ASN B 375 -10.58 10.97 -17.96
CA ASN B 375 -12.03 11.04 -17.90
C ASN B 375 -12.61 12.47 -17.83
N THR B 376 -11.77 13.50 -17.61
CA THR B 376 -12.20 14.91 -17.65
C THR B 376 -11.90 15.50 -19.05
N TYR B 377 -11.25 14.71 -19.93
CA TYR B 377 -10.92 15.10 -21.30
C TYR B 377 -11.99 14.55 -22.25
N PRO B 378 -12.72 15.43 -22.98
CA PRO B 378 -13.81 14.92 -23.85
C PRO B 378 -13.39 14.23 -25.14
N ASN B 379 -12.16 14.50 -25.65
CA ASN B 379 -11.68 13.93 -26.92
C ASN B 379 -10.72 12.74 -26.77
N MET B 380 -10.89 11.91 -25.72
CA MET B 380 -10.02 10.75 -25.45
C MET B 380 -9.89 9.72 -26.59
N ILE B 381 -11.04 9.26 -27.13
CA ILE B 381 -11.07 8.25 -28.18
C ILE B 381 -10.53 8.81 -29.50
N LYS B 382 -10.77 10.10 -29.79
CA LYS B 382 -10.26 10.78 -30.99
C LYS B 382 -8.73 10.88 -30.90
N LEU B 383 -8.19 11.11 -29.68
CA LEU B 383 -6.75 11.21 -29.41
C LEU B 383 -6.02 9.87 -29.71
N ILE B 384 -6.56 8.74 -29.19
CA ILE B 384 -5.98 7.39 -29.40
C ILE B 384 -6.11 6.99 -30.88
N ASP B 385 -7.15 7.48 -31.56
CA ASP B 385 -7.39 7.21 -32.97
C ASP B 385 -6.43 8.02 -33.87
N ASN B 386 -6.09 9.26 -33.47
CA ASN B 386 -5.25 10.14 -34.26
C ASN B 386 -3.75 9.91 -34.10
N LEU B 387 -3.29 9.60 -32.88
CA LEU B 387 -1.87 9.41 -32.61
C LEU B 387 -1.44 7.95 -32.54
N GLY B 388 -0.28 7.66 -33.10
CA GLY B 388 0.32 6.32 -33.09
C GLY B 388 0.92 6.02 -31.73
N ASN B 389 1.35 4.76 -31.53
CA ASN B 389 1.94 4.30 -30.26
C ASN B 389 3.16 5.10 -29.83
N ALA B 390 4.11 5.37 -30.77
CA ALA B 390 5.32 6.14 -30.50
C ALA B 390 5.03 7.60 -30.09
N GLU B 391 4.07 8.25 -30.76
CA GLU B 391 3.65 9.63 -30.49
C GLU B 391 2.99 9.75 -29.12
N ILE B 392 2.12 8.78 -28.76
CA ILE B 392 1.40 8.73 -27.48
C ILE B 392 2.39 8.54 -26.30
N LYS B 393 3.46 7.77 -26.52
CA LYS B 393 4.53 7.53 -25.56
C LYS B 393 5.27 8.86 -25.28
N LYS B 394 5.57 9.64 -26.36
CA LYS B 394 6.23 10.94 -26.27
C LYS B 394 5.31 11.93 -25.55
N LEU B 395 4.00 11.88 -25.85
CA LEU B 395 2.96 12.70 -25.23
C LEU B 395 2.91 12.50 -23.72
N ILE B 396 3.04 11.25 -23.25
CA ILE B 396 3.01 10.91 -21.82
C ILE B 396 4.27 11.43 -21.10
N LYS B 397 5.46 11.33 -21.73
CA LYS B 397 6.72 11.86 -21.20
C LYS B 397 6.62 13.37 -20.98
N VAL B 398 6.08 14.09 -21.98
CA VAL B 398 5.90 15.54 -21.98
C VAL B 398 4.84 15.94 -20.93
N THR B 399 3.74 15.14 -20.83
CA THR B 399 2.66 15.30 -19.84
C THR B 399 3.27 15.19 -18.42
N GLY B 400 4.07 14.16 -18.21
CA GLY B 400 4.78 13.90 -16.96
C GLY B 400 5.69 15.03 -16.54
N TYR B 401 6.44 15.61 -17.51
CA TYR B 401 7.32 16.76 -17.26
C TYR B 401 6.47 17.96 -16.78
N MET B 402 5.32 18.21 -17.45
CA MET B 402 4.36 19.28 -17.12
C MET B 402 3.75 19.09 -15.72
N LEU B 403 3.34 17.85 -15.39
CA LEU B 403 2.74 17.53 -14.08
C LEU B 403 3.73 17.75 -12.93
N VAL B 404 5.00 17.35 -13.13
CA VAL B 404 6.10 17.50 -12.17
C VAL B 404 6.46 18.99 -12.00
N SER B 405 6.38 19.78 -13.11
CA SER B 405 6.68 21.22 -13.14
C SER B 405 5.66 22.10 -12.40
N LYS B 406 4.42 21.62 -12.23
CA LYS B 406 3.33 22.33 -11.54
C LYS B 406 3.66 22.72 -10.09
N LYS B 407 3.11 23.88 -9.63
CA LYS B 407 3.25 24.47 -8.29
C LYS B 407 4.72 24.76 -7.93
ZN ZN C . -26.00 21.20 28.69
N SAM D . -15.12 3.06 23.84
CA SAM D . -15.29 2.03 24.88
C SAM D . -13.93 1.58 25.49
O SAM D . -12.89 2.03 24.96
OXT SAM D . -13.98 0.84 26.50
CB SAM D . -16.04 0.79 24.38
CG SAM D . -17.57 1.04 24.29
SD SAM D . -18.35 -0.46 23.76
CE SAM D . -17.96 -0.45 22.04
C5' SAM D . -20.09 -0.03 23.57
C4' SAM D . -20.83 0.25 24.86
O4' SAM D . -22.11 0.88 24.60
C3' SAM D . -21.11 -0.97 25.75
O3' SAM D . -20.45 -0.79 26.99
C2' SAM D . -22.65 -0.99 25.88
O2' SAM D . -23.08 -1.38 27.17
C1' SAM D . -22.97 0.49 25.64
N9 SAM D . -24.35 0.81 25.27
C8 SAM D . -25.22 0.06 24.54
N7 SAM D . -26.40 0.61 24.37
C5 SAM D . -26.29 1.81 25.05
C6 SAM D . -27.21 2.85 25.31
N6 SAM D . -28.50 2.79 24.98
N1 SAM D . -26.78 3.91 26.03
C2 SAM D . -25.52 3.91 26.48
N3 SAM D . -24.58 2.98 26.33
C4 SAM D . -25.02 1.95 25.60
PG GTP E . -15.18 -8.82 15.83
O1G GTP E . -14.34 -8.88 14.61
O2G GTP E . -14.48 -9.39 17.07
O3G GTP E . -16.53 -9.50 15.69
O3B GTP E . -15.55 -7.34 16.30
PB GTP E . -16.23 -6.08 17.02
O1B GTP E . -17.71 -6.14 17.04
O2B GTP E . -15.52 -6.14 18.37
O3A GTP E . -15.59 -4.73 16.42
PA GTP E . -14.57 -3.69 15.79
O1A GTP E . -13.43 -4.29 15.07
O2A GTP E . -15.44 -2.78 14.92
O5' GTP E . -14.07 -2.58 16.88
C5' GTP E . -13.27 -2.94 18.01
C4' GTP E . -14.22 -3.22 19.15
O4' GTP E . -13.79 -4.37 19.89
C3' GTP E . -14.37 -2.14 20.21
O3' GTP E . -15.17 -1.05 19.76
C2' GTP E . -15.00 -2.93 21.37
O2' GTP E . -16.40 -3.04 21.26
C1' GTP E . -14.38 -4.33 21.19
N9 GTP E . -13.36 -4.69 22.19
C8 GTP E . -12.18 -4.04 22.41
N7 GTP E . -11.41 -4.61 23.31
C5 GTP E . -12.15 -5.70 23.72
C6 GTP E . -11.85 -6.74 24.69
O6 GTP E . -10.83 -6.87 25.34
N1 GTP E . -12.88 -7.66 24.80
C2 GTP E . -14.06 -7.62 24.09
N2 GTP E . -14.92 -8.61 24.31
N3 GTP E . -14.35 -6.68 23.19
C4 GTP E . -13.36 -5.76 23.05
C1 GOL F . -15.74 26.59 28.06
O1 GOL F . -14.97 25.43 28.37
C2 GOL F . -16.87 26.77 29.03
O2 GOL F . -16.40 26.65 30.37
C3 GOL F . -18.00 25.79 28.79
O3 GOL F . -19.12 26.07 29.62
C1 GOL G . -17.13 21.85 35.61
O1 GOL G . -15.82 22.03 35.08
C2 GOL G . -17.52 22.99 36.53
O2 GOL G . -18.72 22.64 37.24
C3 GOL G . -17.74 24.28 35.76
O3 GOL G . -17.97 25.37 36.65
C1 GOL H . -33.95 1.39 24.22
O1 GOL H . -34.26 2.61 23.57
C2 GOL H . -35.13 0.89 25.02
O2 GOL H . -35.44 1.83 26.07
C3 GOL H . -34.86 -0.47 25.63
O3 GOL H . -34.83 -1.47 24.62
O5' ADN I . -28.22 -4.54 16.75
C5' ADN I . -29.04 -4.37 15.61
C4' ADN I . -28.45 -3.37 14.64
O4' ADN I . -28.18 -2.14 15.29
C3' ADN I . -27.12 -3.79 14.01
O3' ADN I . -27.35 -4.51 12.79
C2' ADN I . -26.40 -2.45 13.78
O2' ADN I . -26.24 -2.15 12.39
C1' ADN I . -27.31 -1.41 14.45
N9 ADN I . -26.60 -0.41 15.24
C8 ADN I . -26.02 -0.59 16.47
N7 ADN I . -25.34 0.45 16.91
C5 ADN I . -25.47 1.37 15.89
C6 ADN I . -24.87 2.63 15.67
N6 ADN I . -24.07 3.23 16.55
N1 ADN I . -25.10 3.25 14.48
C2 ADN I . -25.88 2.63 13.58
N3 ADN I . -26.51 1.45 13.68
C4 ADN I . -26.25 0.87 14.85
HO5' ADN I . -28.30 -5.49 17.04
H5'1 ADN I . -29.11 -5.34 15.12
H5'2 ADN I . -30.06 -4.08 15.85
H4' ADN I . -29.19 -3.12 13.87
H3' ADN I . -26.54 -4.49 14.59
HO3' ADN I . -27.94 -5.29 12.98
H2' ADN I . -25.41 -2.47 14.24
HO2' ADN I . -25.41 -2.62 12.10
H1' ADN I . -27.95 -0.88 13.74
H8 ADN I . -26.02 -1.54 17.01
HN61 ADN I . -23.64 4.13 16.39
HN62 ADN I . -23.86 2.78 17.43
H2 ADN I . -26.01 3.16 12.65
ZN ZN J . 30.90 -18.62 -21.06
N SAM K . 16.42 -2.58 -22.19
CA SAM K . 16.52 -1.85 -23.48
C SAM K . 16.88 -0.35 -23.23
O SAM K . 17.19 0.33 -24.22
OXT SAM K . 16.89 0.04 -22.04
CB SAM K . 15.23 -1.95 -24.34
CG SAM K . 15.15 -3.32 -25.06
SD SAM K . 13.70 -3.39 -26.11
CE SAM K . 12.48 -3.79 -24.90
C5' SAM K . 13.73 -5.04 -26.80
C4' SAM K . 14.85 -5.32 -27.80
O4' SAM K . 14.91 -6.74 -28.07
C3' SAM K . 14.72 -4.63 -29.16
O3' SAM K . 15.83 -3.78 -29.37
C2' SAM K . 14.65 -5.78 -30.16
O2' SAM K . 15.32 -5.48 -31.37
C1' SAM K . 15.38 -6.88 -29.38
N9 SAM K . 15.16 -8.26 -29.82
C8 SAM K . 14.04 -8.80 -30.41
N7 SAM K . 14.16 -10.06 -30.73
C5 SAM K . 15.46 -10.37 -30.36
C6 SAM K . 16.24 -11.54 -30.51
N6 SAM K . 15.83 -12.63 -31.14
N1 SAM K . 17.52 -11.50 -30.04
C2 SAM K . 17.98 -10.37 -29.50
N3 SAM K . 17.34 -9.21 -29.33
C4 SAM K . 16.08 -9.27 -29.77
PG GTP L . 6.58 -4.45 -23.39
O1G GTP L . 7.46 -3.33 -23.83
O2G GTP L . 7.30 -5.76 -23.08
O3G GTP L . 5.43 -4.74 -24.37
O3B GTP L . 5.83 -4.17 -22.05
PB GTP L . 4.87 -3.51 -21.01
O1B GTP L . 4.83 -4.08 -19.65
O2B GTP L . 3.61 -3.59 -21.86
O3A GTP L . 5.24 -1.98 -21.12
PA GTP L . 6.15 -0.71 -21.28
O1A GTP L . 6.00 0.04 -22.55
O2A GTP L . 5.83 0.07 -20.02
O5' GTP L . 7.67 -1.04 -20.83
C5' GTP L . 8.73 -0.08 -21.07
C4' GTP L . 9.34 -0.44 -22.40
O4' GTP L . 9.02 0.58 -23.35
C3' GTP L . 10.86 -0.53 -22.43
O3' GTP L . 11.30 -1.80 -21.95
C2' GTP L . 11.17 -0.31 -23.91
O2' GTP L . 10.99 -1.47 -24.70
C1' GTP L . 10.06 0.67 -24.32
N9 GTP L . 10.50 2.07 -24.43
C8 GTP L . 10.36 3.06 -23.49
N7 GTP L . 10.72 4.24 -23.92
C5 GTP L . 11.13 4.02 -25.22
C6 GTP L . 11.58 4.93 -26.24
O6 GTP L . 11.70 6.15 -26.15
N1 GTP L . 11.86 4.29 -27.44
C2 GTP L . 11.76 2.92 -27.65
N2 GTP L . 12.14 2.47 -28.84
N3 GTP L . 11.33 2.07 -26.71
C4 GTP L . 11.02 2.68 -25.54
C1 GOL M . 38.82 -9.65 -19.18
O1 GOL M . 38.57 -10.63 -20.17
C2 GOL M . 37.52 -9.12 -18.60
O2 GOL M . 36.68 -8.69 -19.67
C3 GOL M . 37.75 -7.97 -17.65
O3 GOL M . 38.27 -8.43 -16.40
C1 GOL N . -7.10 -2.73 -14.37
O1 GOL N . -7.03 -1.31 -14.30
C2 GOL N . -5.95 -3.28 -15.17
O2 GOL N . -6.12 -2.94 -16.55
C3 GOL N . -5.89 -4.79 -15.02
O3 GOL N . -4.85 -5.34 -15.81
C1 GOL O . -1.66 6.05 -4.56
O1 GOL O . -2.92 5.77 -5.14
C2 GOL O . -1.80 6.44 -3.10
O2 GOL O . -2.82 7.44 -2.97
C3 GOL O . -0.49 7.00 -2.60
O3 GOL O . -0.63 7.60 -1.32
C1 GOL P . 16.21 -29.80 -25.28
O1 GOL P . 17.04 -29.28 -26.32
C2 GOL P . 16.19 -28.86 -24.09
O2 GOL P . 17.51 -28.75 -23.54
C3 GOL P . 15.23 -29.34 -23.03
O3 GOL P . 14.96 -28.31 -22.08
O5' ADN Q . 5.00 -11.38 -30.29
C5' ADN Q . 4.14 -12.47 -30.02
C4' ADN Q . 4.08 -12.79 -28.54
O4' ADN Q . 5.36 -13.22 -28.06
C3' ADN Q . 3.74 -11.63 -27.62
O3' ADN Q . 2.34 -11.35 -27.62
C2' ADN Q . 4.24 -12.14 -26.26
O2' ADN Q . 3.20 -12.81 -25.56
C1' ADN Q . 5.34 -13.12 -26.65
N9 ADN Q . 6.67 -12.74 -26.17
C8 ADN Q . 7.49 -11.76 -26.66
N7 ADN Q . 8.57 -11.56 -25.94
C5 ADN Q . 8.44 -12.45 -24.89
C6 ADN Q . 9.18 -12.62 -23.70
N6 ADN Q . 10.26 -11.91 -23.40
N1 ADN Q . 8.70 -13.51 -22.80
C2 ADN Q . 7.57 -14.16 -23.07
N3 ADN Q . 6.80 -14.08 -24.15
C4 ADN Q . 7.28 -13.20 -25.03
HO5' ADN Q . 4.54 -10.80 -30.94
H5'1 ADN Q . 3.15 -12.20 -30.36
H5'2 ADN Q . 4.42 -13.37 -30.56
H4' ADN Q . 3.42 -13.64 -28.37
H3' ADN Q . 4.17 -10.66 -27.90
HO3' ADN Q . 2.17 -10.49 -27.15
H2' ADN Q . 4.61 -11.32 -25.65
HO2' ADN Q . 2.49 -12.14 -25.40
H1' ADN Q . 5.15 -14.13 -26.28
H8 ADN Q . 7.25 -11.13 -27.52
HN61 ADN Q . 10.80 -12.05 -22.54
HN62 ADN Q . 10.60 -11.20 -24.02
H2 ADN Q . 7.23 -14.84 -22.29
#